data_2EQE
#
_entry.id   2EQE
#
loop_
_entity.id
_entity.type
_entity.pdbx_description
1 polymer 'Tumor necrosis factor, alpha-induced protein 3'
2 non-polymer 'ZINC ION'
#
_entity_poly.entity_id   1
_entity_poly.type   'polypeptide(L)'
_entity_poly.pdbx_seq_one_letter_code
;GSSGSSGTPGDRTGTSKCRKAGCVYFGTPENKGFCTLCFIEYSGPSSG
;
_entity_poly.pdbx_strand_id   A
#
# COMPACT_ATOMS: atom_id res chain seq x y z
N GLY A 1 -13.29 3.63 20.26
CA GLY A 1 -12.54 3.56 21.51
C GLY A 1 -11.25 2.78 21.36
N SER A 2 -10.21 3.43 20.87
CA SER A 2 -8.92 2.78 20.67
C SER A 2 -8.10 2.80 21.96
N SER A 3 -7.11 1.92 22.04
CA SER A 3 -6.26 1.83 23.21
C SER A 3 -5.23 2.95 23.23
N GLY A 4 -4.47 3.06 22.13
CA GLY A 4 -3.45 4.10 22.03
C GLY A 4 -2.97 4.29 20.61
N SER A 5 -3.84 4.80 19.75
CA SER A 5 -3.49 5.03 18.35
C SER A 5 -2.69 6.32 18.20
N SER A 6 -1.53 6.22 17.56
CA SER A 6 -0.66 7.37 17.35
C SER A 6 -0.93 8.01 15.99
N GLY A 7 -0.91 7.19 14.95
CA GLY A 7 -1.15 7.70 13.61
C GLY A 7 -2.63 7.85 13.31
N THR A 8 -3.05 7.35 12.16
CA THR A 8 -4.45 7.44 11.75
C THR A 8 -5.22 6.17 12.11
N PRO A 9 -6.53 6.31 12.35
CA PRO A 9 -7.40 5.18 12.71
C PRO A 9 -7.60 4.22 11.53
N GLY A 10 -7.73 2.93 11.85
CA GLY A 10 -7.93 1.92 10.82
C GLY A 10 -7.45 0.56 11.24
N ASP A 11 -7.81 -0.46 10.47
CA ASP A 11 -7.41 -1.82 10.77
C ASP A 11 -6.68 -2.45 9.59
N ARG A 12 -5.43 -2.84 9.80
CA ARG A 12 -4.63 -3.46 8.75
C ARG A 12 -4.50 -2.52 7.54
N THR A 13 -4.25 -1.25 7.82
CA THR A 13 -4.10 -0.25 6.77
C THR A 13 -2.69 -0.25 6.20
N GLY A 14 -1.69 -0.21 7.08
CA GLY A 14 -0.32 -0.20 6.65
C GLY A 14 0.46 0.98 7.17
N THR A 15 1.76 1.00 6.91
CA THR A 15 2.62 2.09 7.37
C THR A 15 3.07 2.97 6.20
N SER A 16 3.31 2.34 5.06
CA SER A 16 3.74 3.06 3.86
C SER A 16 2.54 3.53 3.05
N LYS A 17 2.66 4.71 2.45
CA LYS A 17 1.59 5.26 1.64
C LYS A 17 1.39 4.45 0.35
N CYS A 18 0.24 4.61 -0.28
CA CYS A 18 -0.07 3.90 -1.50
C CYS A 18 1.03 4.09 -2.53
N ARG A 19 1.41 3.02 -3.22
CA ARG A 19 2.45 3.06 -4.23
C ARG A 19 2.27 4.27 -5.14
N LYS A 20 1.06 4.43 -5.67
CA LYS A 20 0.75 5.55 -6.56
C LYS A 20 1.11 6.88 -5.90
N ALA A 21 1.61 7.81 -6.70
CA ALA A 21 2.00 9.13 -6.20
C ALA A 21 0.78 10.01 -5.99
N GLY A 22 -0.13 10.02 -6.97
CA GLY A 22 -1.33 10.82 -6.88
C GLY A 22 -2.42 10.14 -6.08
N CYS A 23 -2.06 9.58 -4.93
CA CYS A 23 -3.02 8.89 -4.08
C CYS A 23 -2.80 9.26 -2.60
N VAL A 24 -3.83 9.84 -1.99
CA VAL A 24 -3.76 10.24 -0.60
C VAL A 24 -3.88 9.02 0.33
N TYR A 25 -4.78 8.11 -0.02
CA TYR A 25 -4.99 6.91 0.78
C TYR A 25 -3.68 6.15 0.98
N PHE A 26 -3.70 5.20 1.91
CA PHE A 26 -2.50 4.40 2.20
C PHE A 26 -2.54 3.09 1.42
N GLY A 27 -1.36 2.47 1.29
CA GLY A 27 -1.28 1.21 0.57
C GLY A 27 -1.15 0.02 1.49
N THR A 28 -1.18 -1.19 0.91
CA THR A 28 -1.07 -2.41 1.70
C THR A 28 -0.14 -3.41 1.02
N PRO A 29 0.45 -4.31 1.82
CA PRO A 29 1.37 -5.33 1.32
C PRO A 29 0.65 -6.40 0.50
N GLU A 30 -0.64 -6.59 0.78
CA GLU A 30 -1.43 -7.58 0.07
C GLU A 30 -1.84 -7.07 -1.30
N ASN A 31 -2.03 -5.76 -1.41
CA ASN A 31 -2.42 -5.13 -2.66
C ASN A 31 -1.21 -4.81 -3.52
N LYS A 32 -0.08 -5.44 -3.20
CA LYS A 32 1.16 -5.22 -3.93
C LYS A 32 1.59 -3.76 -3.85
N GLY A 33 1.38 -3.14 -2.68
CA GLY A 33 1.76 -1.76 -2.51
C GLY A 33 0.58 -0.81 -2.65
N PHE A 34 -0.18 -0.98 -3.73
CA PHE A 34 -1.33 -0.13 -4.00
C PHE A 34 -2.31 -0.18 -2.82
N CYS A 35 -3.30 0.71 -2.84
CA CYS A 35 -4.29 0.78 -1.79
C CYS A 35 -5.57 0.06 -2.20
N THR A 36 -6.54 0.02 -1.29
CA THR A 36 -7.81 -0.63 -1.55
C THR A 36 -8.44 -0.11 -2.85
N LEU A 37 -8.47 1.21 -2.98
CA LEU A 37 -9.05 1.84 -4.17
C LEU A 37 -8.30 1.42 -5.43
N CYS A 38 -7.06 1.85 -5.55
CA CYS A 38 -6.23 1.52 -6.70
C CYS A 38 -6.27 0.01 -6.98
N PHE A 39 -5.91 -0.78 -5.97
CA PHE A 39 -5.91 -2.23 -6.11
C PHE A 39 -7.04 -2.69 -7.03
N ILE A 40 -8.22 -2.13 -6.81
CA ILE A 40 -9.39 -2.49 -7.63
C ILE A 40 -9.18 -2.09 -9.08
N GLU A 41 -8.81 -0.83 -9.30
CA GLU A 41 -8.59 -0.32 -10.64
C GLU A 41 -7.51 -1.13 -11.37
N TYR A 42 -6.42 -1.41 -10.67
CA TYR A 42 -5.32 -2.18 -11.25
C TYR A 42 -5.86 -3.31 -12.13
N SER A 43 -6.80 -4.07 -11.59
CA SER A 43 -7.39 -5.19 -12.32
C SER A 43 -8.35 -4.69 -13.39
N GLY A 44 -9.21 -3.76 -13.01
CA GLY A 44 -10.17 -3.21 -13.95
C GLY A 44 -9.51 -2.36 -15.02
N PRO A 45 -10.09 -2.37 -16.23
CA PRO A 45 -9.57 -1.60 -17.36
C PRO A 45 -9.77 -0.10 -17.18
N SER A 46 -8.73 0.67 -17.46
CA SER A 46 -8.79 2.12 -17.33
C SER A 46 -8.81 2.80 -18.69
N SER A 47 -9.42 3.98 -18.75
CA SER A 47 -9.51 4.73 -20.00
C SER A 47 -9.39 6.23 -19.74
N GLY A 48 -8.62 6.90 -20.59
CA GLY A 48 -8.44 8.35 -20.43
C GLY A 48 -7.60 8.69 -19.23
N GLY A 1 7.71 -5.57 21.48
CA GLY A 1 9.15 -5.53 21.27
C GLY A 1 9.52 -4.81 19.99
N SER A 2 10.53 -5.33 19.29
CA SER A 2 10.98 -4.73 18.05
C SER A 2 9.97 -4.94 16.94
N SER A 3 9.58 -6.18 16.71
CA SER A 3 8.62 -6.51 15.67
C SER A 3 9.11 -6.08 14.30
N GLY A 4 10.39 -6.31 14.04
CA GLY A 4 10.98 -5.93 12.77
C GLY A 4 12.47 -5.70 12.85
N SER A 5 13.20 -6.19 11.87
CA SER A 5 14.65 -6.04 11.84
C SER A 5 15.13 -5.63 10.45
N SER A 6 16.05 -4.67 10.41
CA SER A 6 16.58 -4.18 9.14
C SER A 6 15.47 -3.60 8.26
N GLY A 7 14.57 -2.86 8.89
CA GLY A 7 13.46 -2.26 8.15
C GLY A 7 13.06 -0.90 8.71
N THR A 8 11.75 -0.66 8.78
CA THR A 8 11.24 0.61 9.28
C THR A 8 10.26 0.37 10.43
N PRO A 9 10.29 1.29 11.42
CA PRO A 9 9.41 1.20 12.59
C PRO A 9 7.95 1.48 12.24
N GLY A 10 7.74 2.20 11.14
CA GLY A 10 6.39 2.52 10.72
C GLY A 10 6.14 4.02 10.66
N ASP A 11 6.02 4.55 9.45
CA ASP A 11 5.78 5.98 9.26
C ASP A 11 4.54 6.43 10.03
N ARG A 12 3.40 5.84 9.70
CA ARG A 12 2.15 6.18 10.36
C ARG A 12 1.34 4.92 10.69
N THR A 13 1.20 4.64 11.99
CA THR A 13 0.46 3.46 12.44
C THR A 13 0.99 2.20 11.77
N GLY A 14 2.30 2.12 11.61
CA GLY A 14 2.92 0.96 10.99
C GLY A 14 2.23 0.57 9.70
N THR A 15 2.05 1.54 8.80
CA THR A 15 1.41 1.28 7.52
C THR A 15 2.09 2.05 6.40
N SER A 16 2.37 1.36 5.30
CA SER A 16 3.02 1.98 4.16
C SER A 16 2.00 2.68 3.26
N LYS A 17 2.33 3.90 2.84
CA LYS A 17 1.45 4.68 1.97
C LYS A 17 1.33 4.02 0.61
N CYS A 18 0.30 4.42 -0.14
CA CYS A 18 0.06 3.87 -1.48
C CYS A 18 1.26 4.12 -2.39
N ARG A 19 1.53 3.17 -3.28
CA ARG A 19 2.64 3.29 -4.21
C ARG A 19 2.46 4.49 -5.12
N LYS A 20 1.27 4.63 -5.69
CA LYS A 20 0.98 5.75 -6.59
C LYS A 20 1.32 7.08 -5.94
N ALA A 21 1.85 8.00 -6.72
CA ALA A 21 2.21 9.32 -6.22
C ALA A 21 0.98 10.18 -5.97
N GLY A 22 0.09 10.23 -6.95
CA GLY A 22 -1.12 11.01 -6.82
C GLY A 22 -2.19 10.32 -5.98
N CYS A 23 -1.75 9.77 -4.85
CA CYS A 23 -2.67 9.06 -3.95
C CYS A 23 -2.35 9.39 -2.50
N VAL A 24 -3.35 9.88 -1.77
CA VAL A 24 -3.20 10.23 -0.37
C VAL A 24 -3.46 9.03 0.54
N TYR A 25 -4.34 8.15 0.08
CA TYR A 25 -4.68 6.96 0.86
C TYR A 25 -3.46 6.07 1.06
N PHE A 26 -3.52 5.21 2.08
CA PHE A 26 -2.42 4.31 2.39
C PHE A 26 -2.52 3.03 1.56
N GLY A 27 -1.43 2.26 1.54
CA GLY A 27 -1.41 1.03 0.78
C GLY A 27 -1.18 -0.18 1.66
N THR A 28 -1.25 -1.37 1.06
CA THR A 28 -1.05 -2.61 1.80
C THR A 28 -0.09 -3.54 1.06
N PRO A 29 0.61 -4.40 1.82
CA PRO A 29 1.57 -5.35 1.27
C PRO A 29 0.89 -6.46 0.47
N GLU A 30 -0.41 -6.62 0.67
CA GLU A 30 -1.17 -7.65 -0.04
C GLU A 30 -1.60 -7.15 -1.41
N ASN A 31 -1.99 -5.87 -1.48
CA ASN A 31 -2.43 -5.28 -2.74
C ASN A 31 -1.24 -4.82 -3.57
N LYS A 32 -0.06 -5.35 -3.25
CA LYS A 32 1.17 -5.00 -3.97
C LYS A 32 1.50 -3.52 -3.79
N GLY A 33 1.31 -3.02 -2.57
CA GLY A 33 1.60 -1.63 -2.29
C GLY A 33 0.42 -0.72 -2.58
N PHE A 34 -0.29 -1.00 -3.67
CA PHE A 34 -1.46 -0.21 -4.04
C PHE A 34 -2.50 -0.21 -2.93
N CYS A 35 -3.28 0.86 -2.85
CA CYS A 35 -4.32 0.97 -1.83
C CYS A 35 -5.61 0.30 -2.30
N THR A 36 -6.57 0.18 -1.39
CA THR A 36 -7.85 -0.45 -1.70
C THR A 36 -8.41 0.08 -3.02
N LEU A 37 -8.55 1.39 -3.11
CA LEU A 37 -9.08 2.02 -4.33
C LEU A 37 -8.28 1.60 -5.55
N CYS A 38 -7.02 2.02 -5.60
CA CYS A 38 -6.15 1.68 -6.72
C CYS A 38 -6.24 0.20 -7.06
N PHE A 39 -5.89 -0.65 -6.10
CA PHE A 39 -5.94 -2.09 -6.30
C PHE A 39 -7.12 -2.48 -7.20
N ILE A 40 -8.32 -2.07 -6.80
CA ILE A 40 -9.52 -2.37 -7.57
C ILE A 40 -9.33 -2.03 -9.04
N GLU A 41 -8.72 -0.89 -9.31
CA GLU A 41 -8.48 -0.44 -10.68
C GLU A 41 -7.50 -1.39 -11.38
N TYR A 42 -6.41 -1.72 -10.70
CA TYR A 42 -5.40 -2.60 -11.26
C TYR A 42 -6.00 -3.95 -11.63
N SER A 43 -5.29 -4.71 -12.46
CA SER A 43 -5.76 -6.02 -12.89
C SER A 43 -4.58 -6.92 -13.22
N GLY A 44 -4.27 -7.85 -12.32
CA GLY A 44 -3.17 -8.77 -12.53
C GLY A 44 -3.59 -10.03 -13.26
N PRO A 45 -2.69 -11.02 -13.34
CA PRO A 45 -2.95 -12.29 -14.00
C PRO A 45 -3.96 -13.15 -13.23
N SER A 46 -4.46 -12.61 -12.13
CA SER A 46 -5.44 -13.32 -11.31
C SER A 46 -6.65 -12.46 -11.03
N SER A 47 -7.81 -12.90 -11.50
CA SER A 47 -9.05 -12.16 -11.31
C SER A 47 -9.18 -11.69 -9.86
N GLY A 48 -8.98 -12.60 -8.92
CA GLY A 48 -9.07 -12.26 -7.52
C GLY A 48 -7.72 -12.23 -6.83
N GLY A 1 7.03 7.27 29.24
CA GLY A 1 5.68 7.66 28.84
C GLY A 1 5.33 7.20 27.44
N SER A 2 4.79 8.11 26.63
CA SER A 2 4.41 7.79 25.26
C SER A 2 5.63 7.39 24.44
N SER A 3 6.62 8.28 24.39
CA SER A 3 7.85 8.03 23.63
C SER A 3 8.91 7.38 24.52
N GLY A 4 10.03 7.01 23.91
CA GLY A 4 11.11 6.39 24.65
C GLY A 4 12.26 7.34 24.90
N SER A 5 13.45 6.78 25.14
CA SER A 5 14.63 7.59 25.40
C SER A 5 14.92 8.53 24.23
N SER A 6 14.93 7.97 23.02
CA SER A 6 15.20 8.75 21.83
C SER A 6 14.36 8.25 20.65
N GLY A 7 13.99 9.17 19.76
CA GLY A 7 13.19 8.80 18.61
C GLY A 7 12.17 7.73 18.93
N THR A 8 11.81 6.95 17.92
CA THR A 8 10.83 5.88 18.10
C THR A 8 11.31 4.85 19.12
N PRO A 9 10.36 4.22 19.83
CA PRO A 9 10.68 3.21 20.85
C PRO A 9 11.22 1.93 20.24
N GLY A 10 10.93 1.71 18.95
CA GLY A 10 11.39 0.52 18.28
C GLY A 10 11.37 0.66 16.77
N ASP A 11 11.59 -0.44 16.07
CA ASP A 11 11.58 -0.45 14.61
C ASP A 11 10.17 -0.58 14.07
N ARG A 12 9.19 -0.59 14.96
CA ARG A 12 7.80 -0.71 14.58
C ARG A 12 7.33 0.53 13.82
N THR A 13 6.46 0.31 12.83
CA THR A 13 5.94 1.41 12.01
C THR A 13 4.52 1.13 11.56
N GLY A 14 3.73 2.18 11.41
CA GLY A 14 2.35 2.03 10.97
C GLY A 14 2.25 1.35 9.61
N THR A 15 1.70 2.07 8.64
CA THR A 15 1.54 1.53 7.30
C THR A 15 2.01 2.54 6.25
N SER A 16 2.74 2.04 5.24
CA SER A 16 3.25 2.89 4.18
C SER A 16 2.12 3.41 3.31
N LYS A 17 2.37 4.53 2.63
CA LYS A 17 1.36 5.13 1.76
C LYS A 17 1.26 4.38 0.44
N CYS A 18 0.17 4.59 -0.27
CA CYS A 18 -0.06 3.93 -1.56
C CYS A 18 1.12 4.17 -2.50
N ARG A 19 1.43 3.17 -3.33
CA ARG A 19 2.54 3.27 -4.27
C ARG A 19 2.29 4.40 -5.27
N LYS A 20 1.09 4.45 -5.81
CA LYS A 20 0.72 5.49 -6.78
C LYS A 20 1.03 6.88 -6.23
N ALA A 21 1.53 7.75 -7.10
CA ALA A 21 1.87 9.11 -6.70
C ALA A 21 0.62 9.98 -6.62
N GLY A 22 0.49 10.73 -5.53
CA GLY A 22 -0.66 11.59 -5.35
C GLY A 22 -1.75 10.95 -4.52
N CYS A 23 -1.90 9.64 -4.66
CA CYS A 23 -2.92 8.90 -3.91
C CYS A 23 -2.79 9.16 -2.41
N VAL A 24 -3.66 10.01 -1.89
CA VAL A 24 -3.64 10.36 -0.47
C VAL A 24 -3.89 9.12 0.39
N TYR A 25 -4.61 8.15 -0.17
CA TYR A 25 -4.92 6.92 0.56
C TYR A 25 -3.64 6.12 0.83
N PHE A 26 -3.70 5.25 1.83
CA PHE A 26 -2.55 4.42 2.20
C PHE A 26 -2.60 3.08 1.48
N GLY A 27 -1.43 2.53 1.19
CA GLY A 27 -1.36 1.25 0.50
C GLY A 27 -1.21 0.09 1.46
N THR A 28 -1.15 -1.12 0.91
CA THR A 28 -1.01 -2.32 1.73
C THR A 28 -0.11 -3.34 1.06
N PRO A 29 0.49 -4.23 1.87
CA PRO A 29 1.40 -5.28 1.37
C PRO A 29 0.66 -6.36 0.58
N GLU A 30 -0.63 -6.49 0.85
CA GLU A 30 -1.45 -7.48 0.16
C GLU A 30 -1.77 -7.04 -1.27
N ASN A 31 -2.04 -5.75 -1.43
CA ASN A 31 -2.36 -5.19 -2.73
C ASN A 31 -1.09 -4.92 -3.53
N LYS A 32 0.02 -5.50 -3.09
CA LYS A 32 1.31 -5.32 -3.76
C LYS A 32 1.77 -3.87 -3.67
N GLY A 33 1.45 -3.22 -2.55
CA GLY A 33 1.86 -1.84 -2.34
C GLY A 33 0.70 -0.88 -2.50
N PHE A 34 -0.08 -1.05 -3.57
CA PHE A 34 -1.22 -0.19 -3.84
C PHE A 34 -2.23 -0.25 -2.70
N CYS A 35 -3.28 0.54 -2.80
CA CYS A 35 -4.32 0.58 -1.77
C CYS A 35 -5.60 -0.10 -2.27
N THR A 36 -6.59 -0.20 -1.39
CA THR A 36 -7.86 -0.82 -1.74
C THR A 36 -8.45 -0.19 -2.99
N LEU A 37 -8.44 1.13 -3.05
CA LEU A 37 -8.98 1.86 -4.19
C LEU A 37 -8.23 1.49 -5.47
N CYS A 38 -6.96 1.90 -5.54
CA CYS A 38 -6.13 1.61 -6.70
C CYS A 38 -6.19 0.13 -7.06
N PHE A 39 -5.85 -0.72 -6.09
CA PHE A 39 -5.86 -2.16 -6.30
C PHE A 39 -6.99 -2.58 -7.24
N ILE A 40 -8.22 -2.24 -6.84
CA ILE A 40 -9.39 -2.57 -7.63
C ILE A 40 -9.26 -2.04 -9.06
N GLU A 41 -8.89 -0.77 -9.17
CA GLU A 41 -8.73 -0.14 -10.47
C GLU A 41 -7.77 -0.94 -11.36
N TYR A 42 -6.65 -1.36 -10.77
CA TYR A 42 -5.65 -2.14 -11.50
C TYR A 42 -6.32 -3.22 -12.34
N SER A 43 -7.14 -4.04 -11.68
CA SER A 43 -7.84 -5.13 -12.36
C SER A 43 -9.08 -5.54 -11.59
N GLY A 44 -10.24 -5.13 -12.09
CA GLY A 44 -11.49 -5.46 -11.44
C GLY A 44 -11.65 -6.95 -11.21
N PRO A 45 -12.83 -7.35 -10.72
CA PRO A 45 -13.13 -8.76 -10.45
C PRO A 45 -13.28 -9.58 -11.73
N SER A 46 -13.75 -8.93 -12.79
CA SER A 46 -13.93 -9.59 -14.07
C SER A 46 -13.15 -8.89 -15.17
N SER A 47 -12.17 -9.60 -15.74
CA SER A 47 -11.35 -9.03 -16.81
C SER A 47 -12.16 -8.84 -18.09
N GLY A 48 -12.85 -9.89 -18.51
CA GLY A 48 -13.65 -9.83 -19.71
C GLY A 48 -15.03 -10.45 -19.53
N GLY A 1 25.77 -6.60 -2.03
CA GLY A 1 24.58 -5.87 -2.42
C GLY A 1 23.44 -6.80 -2.79
N SER A 2 23.17 -7.78 -1.93
CA SER A 2 22.10 -8.75 -2.17
C SER A 2 20.74 -8.09 -2.03
N SER A 3 19.69 -8.82 -2.40
CA SER A 3 18.33 -8.31 -2.31
C SER A 3 17.33 -9.45 -2.16
N GLY A 4 16.25 -9.19 -1.42
CA GLY A 4 15.24 -10.21 -1.21
C GLY A 4 14.97 -10.47 0.26
N SER A 5 14.21 -9.57 0.89
CA SER A 5 13.90 -9.71 2.30
C SER A 5 12.41 -10.02 2.50
N SER A 6 12.12 -11.17 3.09
CA SER A 6 10.74 -11.58 3.33
C SER A 6 10.36 -11.38 4.79
N GLY A 7 9.23 -10.71 5.02
CA GLY A 7 8.77 -10.46 6.37
C GLY A 7 7.75 -9.34 6.43
N THR A 8 7.19 -9.11 7.62
CA THR A 8 6.20 -8.07 7.81
C THR A 8 6.64 -7.08 8.89
N PRO A 9 6.23 -5.81 8.73
CA PRO A 9 6.57 -4.75 9.68
C PRO A 9 5.85 -4.92 11.01
N GLY A 10 6.51 -5.57 11.96
CA GLY A 10 5.91 -5.78 13.27
C GLY A 10 5.34 -4.51 13.86
N ASP A 11 6.21 -3.55 14.14
CA ASP A 11 5.79 -2.28 14.72
C ASP A 11 6.59 -1.12 14.13
N ARG A 12 5.93 -0.32 13.30
CA ARG A 12 6.58 0.82 12.67
C ARG A 12 5.91 2.13 13.07
N THR A 13 6.73 3.15 13.32
CA THR A 13 6.21 4.45 13.73
C THR A 13 5.43 5.11 12.59
N GLY A 14 6.04 5.16 11.41
CA GLY A 14 5.39 5.77 10.26
C GLY A 14 4.54 4.77 9.49
N THR A 15 3.53 5.28 8.80
CA THR A 15 2.64 4.42 8.02
C THR A 15 2.97 4.50 6.53
N SER A 16 3.01 3.35 5.87
CA SER A 16 3.31 3.29 4.45
C SER A 16 2.17 3.86 3.62
N LYS A 17 2.53 4.68 2.63
CA LYS A 17 1.54 5.30 1.76
C LYS A 17 1.34 4.49 0.48
N CYS A 18 0.34 4.85 -0.30
CA CYS A 18 0.05 4.16 -1.55
C CYS A 18 1.17 4.37 -2.56
N ARG A 19 1.41 3.35 -3.38
CA ARG A 19 2.46 3.43 -4.40
C ARG A 19 2.22 4.61 -5.34
N LYS A 20 0.98 4.73 -5.82
CA LYS A 20 0.63 5.81 -6.72
C LYS A 20 1.00 7.17 -6.13
N ALA A 21 1.47 8.07 -6.98
CA ALA A 21 1.86 9.41 -6.54
C ALA A 21 0.63 10.26 -6.22
N GLY A 22 -0.36 10.23 -7.12
CA GLY A 22 -1.58 11.00 -6.90
C GLY A 22 -2.56 10.29 -6.01
N CYS A 23 -2.09 9.79 -4.87
CA CYS A 23 -2.94 9.08 -3.93
C CYS A 23 -2.54 9.39 -2.49
N VAL A 24 -3.35 10.18 -1.80
CA VAL A 24 -3.08 10.56 -0.43
C VAL A 24 -3.17 9.36 0.50
N TYR A 25 -4.23 8.57 0.32
CA TYR A 25 -4.44 7.38 1.14
C TYR A 25 -3.20 6.49 1.15
N PHE A 26 -3.23 5.45 1.98
CA PHE A 26 -2.10 4.53 2.08
C PHE A 26 -2.43 3.20 1.40
N GLY A 27 -1.42 2.35 1.27
CA GLY A 27 -1.61 1.06 0.63
C GLY A 27 -1.42 -0.10 1.59
N THR A 28 -1.29 -1.30 1.04
CA THR A 28 -1.10 -2.50 1.86
C THR A 28 -0.15 -3.48 1.18
N PRO A 29 0.54 -4.29 2.00
CA PRO A 29 1.49 -5.29 1.51
C PRO A 29 0.81 -6.43 0.79
N GLU A 30 -0.53 -6.44 0.81
CA GLU A 30 -1.30 -7.48 0.16
C GLU A 30 -1.69 -7.07 -1.25
N ASN A 31 -2.05 -5.79 -1.42
CA ASN A 31 -2.44 -5.27 -2.71
C ASN A 31 -1.22 -4.91 -3.55
N LYS A 32 -0.07 -5.42 -3.15
CA LYS A 32 1.18 -5.16 -3.87
C LYS A 32 1.57 -3.69 -3.76
N GLY A 33 1.41 -3.13 -2.57
CA GLY A 33 1.75 -1.73 -2.35
C GLY A 33 0.58 -0.80 -2.57
N PHE A 34 -0.15 -1.03 -3.66
CA PHE A 34 -1.31 -0.20 -3.99
C PHE A 34 -2.37 -0.28 -2.89
N CYS A 35 -3.25 0.71 -2.87
CA CYS A 35 -4.32 0.76 -1.87
C CYS A 35 -5.60 0.13 -2.41
N THR A 36 -6.44 -0.35 -1.50
CA THR A 36 -7.71 -0.97 -1.88
C THR A 36 -8.29 -0.31 -3.12
N LEU A 37 -8.53 1.00 -3.04
CA LEU A 37 -9.09 1.75 -4.15
C LEU A 37 -8.32 1.47 -5.44
N CYS A 38 -7.06 1.91 -5.48
CA CYS A 38 -6.22 1.70 -6.64
C CYS A 38 -6.27 0.25 -7.10
N PHE A 39 -5.85 -0.65 -6.23
CA PHE A 39 -5.84 -2.08 -6.54
C PHE A 39 -7.06 -2.46 -7.37
N ILE A 40 -8.24 -2.15 -6.83
CA ILE A 40 -9.49 -2.46 -7.53
C ILE A 40 -9.40 -2.08 -9.00
N GLU A 41 -8.96 -0.86 -9.27
CA GLU A 41 -8.83 -0.37 -10.64
C GLU A 41 -7.72 -1.11 -11.38
N TYR A 42 -6.59 -1.28 -10.71
CA TYR A 42 -5.44 -1.96 -11.29
C TYR A 42 -5.83 -3.35 -11.81
N SER A 43 -5.49 -3.63 -13.06
CA SER A 43 -5.81 -4.92 -13.66
C SER A 43 -5.69 -6.05 -12.64
N GLY A 44 -4.49 -6.26 -12.13
CA GLY A 44 -4.26 -7.30 -11.15
C GLY A 44 -3.31 -8.37 -11.64
N PRO A 45 -3.38 -9.55 -11.04
CA PRO A 45 -2.52 -10.69 -11.41
C PRO A 45 -2.87 -11.26 -12.78
N SER A 46 -3.93 -10.72 -13.38
CA SER A 46 -4.37 -11.18 -14.70
C SER A 46 -3.77 -10.31 -15.79
N SER A 47 -3.68 -10.87 -17.00
CA SER A 47 -3.13 -10.14 -18.14
C SER A 47 -3.88 -8.83 -18.36
N GLY A 48 -3.13 -7.74 -18.49
CA GLY A 48 -3.74 -6.45 -18.71
C GLY A 48 -3.25 -5.78 -19.99
N GLY A 1 14.29 -16.37 26.30
CA GLY A 1 14.42 -15.02 25.76
C GLY A 1 13.08 -14.37 25.48
N SER A 2 13.12 -13.17 24.91
CA SER A 2 11.91 -12.44 24.60
C SER A 2 11.20 -13.04 23.38
N SER A 3 9.92 -13.36 23.55
CA SER A 3 9.13 -13.95 22.48
C SER A 3 7.71 -13.40 22.48
N GLY A 4 7.33 -12.74 21.39
CA GLY A 4 6.01 -12.16 21.28
C GLY A 4 5.11 -12.96 20.36
N SER A 5 3.87 -12.49 20.18
CA SER A 5 2.92 -13.16 19.31
C SER A 5 3.31 -13.00 17.84
N SER A 6 3.46 -14.14 17.16
CA SER A 6 3.84 -14.13 15.75
C SER A 6 3.07 -15.21 14.99
N GLY A 7 2.61 -14.86 13.79
CA GLY A 7 1.87 -15.80 12.97
C GLY A 7 2.26 -15.73 11.51
N THR A 8 2.42 -14.52 11.00
CA THR A 8 2.79 -14.32 9.60
C THR A 8 3.70 -13.12 9.44
N PRO A 9 4.67 -13.22 8.51
CA PRO A 9 5.62 -12.14 8.23
C PRO A 9 4.97 -10.94 7.57
N GLY A 10 5.77 -9.92 7.26
CA GLY A 10 5.25 -8.73 6.63
C GLY A 10 6.11 -8.27 5.46
N ASP A 11 5.59 -7.31 4.69
CA ASP A 11 6.32 -6.80 3.54
C ASP A 11 7.58 -6.05 3.98
N ARG A 12 8.68 -6.28 3.27
CA ARG A 12 9.95 -5.64 3.60
C ARG A 12 10.32 -4.62 2.53
N THR A 13 10.77 -3.45 2.97
CA THR A 13 11.15 -2.39 2.05
C THR A 13 10.01 -2.00 1.13
N GLY A 14 8.82 -1.82 1.71
CA GLY A 14 7.65 -1.46 0.92
C GLY A 14 7.47 0.05 0.83
N THR A 15 6.27 0.50 1.18
CA THR A 15 5.96 1.93 1.14
C THR A 15 5.00 2.32 2.25
N SER A 16 5.24 3.47 2.87
CA SER A 16 4.40 3.95 3.95
C SER A 16 3.11 4.56 3.40
N LYS A 17 2.98 4.59 2.08
CA LYS A 17 1.80 5.14 1.43
C LYS A 17 1.49 4.39 0.14
N CYS A 18 0.30 4.63 -0.41
CA CYS A 18 -0.12 3.99 -1.64
C CYS A 18 0.92 4.19 -2.74
N ARG A 19 1.21 3.13 -3.48
CA ARG A 19 2.19 3.19 -4.57
C ARG A 19 1.93 4.40 -5.45
N LYS A 20 0.69 4.55 -5.92
CA LYS A 20 0.32 5.66 -6.77
C LYS A 20 0.69 6.99 -6.14
N ALA A 21 1.14 7.93 -6.95
CA ALA A 21 1.53 9.25 -6.46
C ALA A 21 0.30 10.10 -6.13
N GLY A 22 -0.65 10.13 -7.04
CA GLY A 22 -1.86 10.91 -6.83
C GLY A 22 -2.85 10.19 -5.92
N CYS A 23 -2.35 9.63 -4.82
CA CYS A 23 -3.21 8.92 -3.88
C CYS A 23 -2.80 9.23 -2.44
N VAL A 24 -3.61 10.04 -1.76
CA VAL A 24 -3.34 10.42 -0.39
C VAL A 24 -3.46 9.22 0.54
N TYR A 25 -4.45 8.37 0.29
CA TYR A 25 -4.67 7.18 1.10
C TYR A 25 -3.39 6.35 1.21
N PHE A 26 -3.41 5.37 2.10
CA PHE A 26 -2.25 4.50 2.31
C PHE A 26 -2.41 3.20 1.52
N GLY A 27 -1.30 2.51 1.30
CA GLY A 27 -1.34 1.26 0.57
C GLY A 27 -1.24 0.05 1.47
N THR A 28 -1.25 -1.14 0.87
CA THR A 28 -1.16 -2.38 1.64
C THR A 28 -0.23 -3.37 0.96
N PRO A 29 0.42 -4.24 1.76
CA PRO A 29 1.34 -5.26 1.25
C PRO A 29 0.62 -6.36 0.48
N GLU A 30 -0.68 -6.46 0.68
CA GLU A 30 -1.49 -7.47 0.01
C GLU A 30 -1.84 -7.03 -1.41
N ASN A 31 -2.15 -5.74 -1.57
CA ASN A 31 -2.50 -5.20 -2.87
C ASN A 31 -1.24 -4.86 -3.69
N LYS A 32 -0.11 -5.44 -3.28
CA LYS A 32 1.15 -5.20 -3.96
C LYS A 32 1.57 -3.74 -3.85
N GLY A 33 1.40 -3.17 -2.66
CA GLY A 33 1.77 -1.79 -2.44
C GLY A 33 0.60 -0.84 -2.59
N PHE A 34 -0.17 -1.03 -3.67
CA PHE A 34 -1.33 -0.18 -3.93
C PHE A 34 -2.34 -0.28 -2.80
N CYS A 35 -3.28 0.66 -2.77
CA CYS A 35 -4.31 0.68 -1.73
C CYS A 35 -5.57 -0.04 -2.22
N THR A 36 -6.56 -0.12 -1.34
CA THR A 36 -7.82 -0.78 -1.67
C THR A 36 -8.43 -0.18 -2.94
N LEU A 37 -8.54 1.13 -2.98
CA LEU A 37 -9.11 1.82 -4.13
C LEU A 37 -8.35 1.47 -5.40
N CYS A 38 -7.10 1.92 -5.49
CA CYS A 38 -6.26 1.64 -6.65
C CYS A 38 -6.29 0.16 -7.00
N PHE A 39 -5.93 -0.68 -6.02
CA PHE A 39 -5.91 -2.12 -6.22
C PHE A 39 -7.02 -2.55 -7.17
N ILE A 40 -8.26 -2.24 -6.82
CA ILE A 40 -9.41 -2.60 -7.64
C ILE A 40 -9.19 -2.17 -9.09
N GLU A 41 -8.79 -0.93 -9.28
CA GLU A 41 -8.56 -0.39 -10.62
C GLU A 41 -7.44 -1.17 -11.32
N TYR A 42 -6.37 -1.43 -10.60
CA TYR A 42 -5.23 -2.15 -11.15
C TYR A 42 -5.62 -3.59 -11.51
N SER A 43 -4.96 -4.14 -12.52
CA SER A 43 -5.24 -5.51 -12.96
C SER A 43 -4.04 -6.09 -13.70
N GLY A 44 -3.30 -6.96 -13.02
CA GLY A 44 -2.14 -7.58 -13.62
C GLY A 44 -2.47 -8.89 -14.31
N PRO A 45 -2.29 -10.00 -13.60
CA PRO A 45 -2.57 -11.34 -14.14
C PRO A 45 -4.07 -11.59 -14.33
N SER A 46 -4.45 -11.94 -15.56
CA SER A 46 -5.85 -12.20 -15.87
C SER A 46 -6.24 -13.61 -15.45
N SER A 47 -7.55 -13.82 -15.29
CA SER A 47 -8.06 -15.12 -14.88
C SER A 47 -7.46 -16.24 -15.74
N GLY A 48 -7.70 -16.17 -17.04
CA GLY A 48 -7.17 -17.18 -17.95
C GLY A 48 -6.10 -16.63 -18.86
N GLY A 1 13.53 -13.65 -11.02
CA GLY A 1 12.36 -13.93 -10.20
C GLY A 1 11.12 -13.22 -10.70
N SER A 2 10.21 -12.92 -9.79
CA SER A 2 8.96 -12.24 -10.15
C SER A 2 9.22 -10.76 -10.47
N SER A 3 8.26 -10.13 -11.12
CA SER A 3 8.38 -8.72 -11.48
C SER A 3 7.49 -7.86 -10.60
N GLY A 4 8.11 -7.01 -9.78
CA GLY A 4 7.36 -6.15 -8.90
C GLY A 4 7.91 -6.12 -7.50
N SER A 5 9.13 -5.63 -7.35
CA SER A 5 9.78 -5.56 -6.05
C SER A 5 10.44 -4.19 -5.84
N SER A 6 10.18 -3.59 -4.68
CA SER A 6 10.75 -2.28 -4.36
C SER A 6 12.21 -2.21 -4.77
N GLY A 7 12.99 -3.22 -4.40
CA GLY A 7 14.40 -3.23 -4.74
C GLY A 7 15.25 -2.46 -3.77
N THR A 8 14.95 -1.17 -3.62
CA THR A 8 15.70 -0.31 -2.71
C THR A 8 15.45 -0.71 -1.26
N PRO A 9 16.50 -0.58 -0.43
CA PRO A 9 16.42 -0.91 1.00
C PRO A 9 15.55 0.07 1.77
N GLY A 10 14.99 -0.39 2.88
CA GLY A 10 14.14 0.46 3.71
C GLY A 10 14.88 1.04 4.90
N ASP A 11 15.38 2.25 4.75
CA ASP A 11 16.11 2.92 5.83
C ASP A 11 15.14 3.59 6.81
N ARG A 12 14.34 4.51 6.30
CA ARG A 12 13.38 5.22 7.13
C ARG A 12 12.18 4.33 7.47
N THR A 13 12.02 4.03 8.76
CA THR A 13 10.92 3.20 9.21
C THR A 13 9.64 3.99 9.36
N GLY A 14 8.50 3.33 9.19
CA GLY A 14 7.22 4.00 9.30
C GLY A 14 6.13 3.32 8.49
N THR A 15 4.96 3.95 8.44
CA THR A 15 3.83 3.40 7.69
C THR A 15 4.17 3.27 6.21
N SER A 16 3.30 2.61 5.46
CA SER A 16 3.49 2.41 4.03
C SER A 16 2.36 3.06 3.24
N LYS A 17 2.66 4.19 2.61
CA LYS A 17 1.67 4.90 1.80
C LYS A 17 1.38 4.15 0.51
N CYS A 18 0.37 4.62 -0.22
CA CYS A 18 0.00 3.99 -1.49
C CYS A 18 1.08 4.21 -2.54
N ARG A 19 1.44 3.12 -3.24
CA ARG A 19 2.46 3.18 -4.26
C ARG A 19 2.28 4.42 -5.14
N LYS A 20 1.07 4.58 -5.69
CA LYS A 20 0.77 5.72 -6.54
C LYS A 20 1.08 7.04 -5.82
N ALA A 21 1.64 7.98 -6.55
CA ALA A 21 1.98 9.29 -5.99
C ALA A 21 0.72 10.11 -5.73
N GLY A 22 -0.03 10.39 -6.78
CA GLY A 22 -1.24 11.17 -6.65
C GLY A 22 -2.09 10.72 -5.48
N CYS A 23 -2.15 9.41 -5.27
CA CYS A 23 -2.94 8.84 -4.17
C CYS A 23 -2.39 9.30 -2.82
N VAL A 24 -3.26 9.92 -2.02
CA VAL A 24 -2.87 10.40 -0.70
C VAL A 24 -2.97 9.30 0.34
N TYR A 25 -4.05 8.52 0.27
CA TYR A 25 -4.26 7.43 1.22
C TYR A 25 -3.06 6.49 1.24
N PHE A 26 -3.13 5.48 2.10
CA PHE A 26 -2.05 4.51 2.23
C PHE A 26 -2.42 3.20 1.55
N GLY A 27 -1.43 2.33 1.39
CA GLY A 27 -1.66 1.04 0.76
C GLY A 27 -1.33 -0.12 1.66
N THR A 28 -1.18 -1.32 1.07
CA THR A 28 -0.86 -2.51 1.83
C THR A 28 0.03 -3.45 1.03
N PRO A 29 0.81 -4.28 1.74
CA PRO A 29 1.73 -5.24 1.13
C PRO A 29 0.99 -6.37 0.42
N GLU A 30 -0.27 -6.57 0.78
CA GLU A 30 -1.09 -7.61 0.18
C GLU A 30 -1.65 -7.17 -1.16
N ASN A 31 -1.98 -5.89 -1.27
CA ASN A 31 -2.53 -5.33 -2.50
C ASN A 31 -1.41 -4.90 -3.44
N LYS A 32 -0.21 -5.41 -3.20
CA LYS A 32 0.94 -5.09 -4.03
C LYS A 32 1.32 -3.62 -3.89
N GLY A 33 1.19 -3.09 -2.67
CA GLY A 33 1.52 -1.70 -2.42
C GLY A 33 0.33 -0.78 -2.62
N PHE A 34 -0.41 -1.00 -3.70
CA PHE A 34 -1.58 -0.18 -4.00
C PHE A 34 -2.61 -0.26 -2.88
N CYS A 35 -3.43 0.79 -2.76
CA CYS A 35 -4.45 0.83 -1.72
C CYS A 35 -5.72 0.11 -2.17
N THR A 36 -6.71 0.03 -1.29
CA THR A 36 -7.96 -0.62 -1.59
C THR A 36 -8.55 -0.11 -2.90
N LEU A 37 -8.52 1.20 -3.08
CA LEU A 37 -9.05 1.82 -4.29
C LEU A 37 -8.24 1.41 -5.52
N CYS A 38 -6.99 1.87 -5.57
CA CYS A 38 -6.11 1.54 -6.68
C CYS A 38 -6.16 0.05 -7.01
N PHE A 39 -5.97 -0.78 -5.99
CA PHE A 39 -6.01 -2.22 -6.18
C PHE A 39 -7.14 -2.63 -7.12
N ILE A 40 -8.31 -2.01 -6.94
CA ILE A 40 -9.46 -2.30 -7.77
C ILE A 40 -9.20 -1.95 -9.22
N GLU A 41 -8.72 -0.74 -9.47
CA GLU A 41 -8.42 -0.29 -10.82
C GLU A 41 -7.41 -1.22 -11.49
N TYR A 42 -6.31 -1.47 -10.80
CA TYR A 42 -5.27 -2.34 -11.34
C TYR A 42 -5.86 -3.59 -11.97
N SER A 43 -6.76 -4.25 -11.23
CA SER A 43 -7.40 -5.46 -11.71
C SER A 43 -8.71 -5.71 -10.98
N GLY A 44 -9.82 -5.48 -11.68
CA GLY A 44 -11.13 -5.68 -11.08
C GLY A 44 -12.23 -5.74 -12.11
N PRO A 45 -13.42 -6.23 -11.70
CA PRO A 45 -14.57 -6.35 -12.59
C PRO A 45 -15.17 -4.99 -12.95
N SER A 46 -14.53 -3.92 -12.47
CA SER A 46 -14.99 -2.56 -12.74
C SER A 46 -15.15 -2.33 -14.24
N SER A 47 -16.34 -1.92 -14.65
CA SER A 47 -16.63 -1.67 -16.06
C SER A 47 -16.42 -0.19 -16.39
N GLY A 48 -16.13 0.09 -17.66
CA GLY A 48 -15.92 1.46 -18.09
C GLY A 48 -14.97 1.55 -19.26
N GLY A 1 21.87 -1.52 -24.22
CA GLY A 1 21.96 -2.44 -23.10
C GLY A 1 23.29 -2.34 -22.38
N SER A 2 23.24 -2.01 -21.09
CA SER A 2 24.45 -1.88 -20.28
C SER A 2 24.53 -2.99 -19.23
N SER A 3 25.67 -3.09 -18.58
CA SER A 3 25.88 -4.11 -17.55
C SER A 3 24.82 -3.99 -16.46
N GLY A 4 24.77 -2.83 -15.81
CA GLY A 4 23.81 -2.61 -14.76
C GLY A 4 22.69 -1.67 -15.16
N SER A 5 21.95 -2.06 -16.21
CA SER A 5 20.86 -1.24 -16.71
C SER A 5 20.07 -0.62 -15.56
N SER A 6 20.10 -1.28 -14.41
CA SER A 6 19.39 -0.80 -13.22
C SER A 6 19.72 0.67 -12.96
N GLY A 7 21.00 1.01 -13.04
CA GLY A 7 21.43 2.38 -12.80
C GLY A 7 21.50 2.71 -11.33
N THR A 8 20.63 3.62 -10.88
CA THR A 8 20.61 4.02 -9.48
C THR A 8 19.19 3.99 -8.93
N PRO A 9 19.08 3.77 -7.61
CA PRO A 9 17.78 3.71 -6.92
C PRO A 9 17.11 5.07 -6.85
N GLY A 10 15.91 5.11 -6.27
CA GLY A 10 15.18 6.35 -6.15
C GLY A 10 13.89 6.20 -5.36
N ASP A 11 13.99 6.33 -4.04
CA ASP A 11 12.83 6.20 -3.18
C ASP A 11 12.10 4.87 -3.43
N ARG A 12 12.88 3.81 -3.59
CA ARG A 12 12.32 2.49 -3.83
C ARG A 12 11.36 2.08 -2.72
N THR A 13 11.79 2.27 -1.48
CA THR A 13 10.97 1.92 -0.32
C THR A 13 11.15 2.94 0.80
N GLY A 14 10.14 3.78 0.99
CA GLY A 14 10.21 4.79 2.04
C GLY A 14 8.89 4.96 2.77
N THR A 15 7.99 5.75 2.19
CA THR A 15 6.69 5.99 2.79
C THR A 15 5.74 4.82 2.55
N SER A 16 5.01 4.43 3.59
CA SER A 16 4.07 3.32 3.50
C SER A 16 2.82 3.73 2.70
N LYS A 17 2.78 4.99 2.29
CA LYS A 17 1.66 5.50 1.52
C LYS A 17 1.45 4.69 0.25
N CYS A 18 0.27 4.83 -0.35
CA CYS A 18 -0.05 4.11 -1.57
C CYS A 18 0.99 4.36 -2.64
N ARG A 19 1.32 3.32 -3.41
CA ARG A 19 2.31 3.45 -4.47
C ARG A 19 2.04 4.66 -5.33
N LYS A 20 0.81 4.80 -5.79
CA LYS A 20 0.42 5.93 -6.63
C LYS A 20 0.65 7.26 -5.91
N ALA A 21 1.38 8.16 -6.56
CA ALA A 21 1.68 9.47 -5.98
C ALA A 21 0.39 10.24 -5.70
N GLY A 22 -0.36 10.55 -6.76
CA GLY A 22 -1.60 11.28 -6.60
C GLY A 22 -2.42 10.80 -5.43
N CYS A 23 -2.46 9.50 -5.23
CA CYS A 23 -3.22 8.91 -4.14
C CYS A 23 -2.73 9.44 -2.79
N VAL A 24 -3.66 9.84 -1.94
CA VAL A 24 -3.31 10.36 -0.62
C VAL A 24 -3.39 9.27 0.44
N TYR A 25 -4.37 8.39 0.30
CA TYR A 25 -4.54 7.29 1.26
C TYR A 25 -3.30 6.41 1.30
N PHE A 26 -3.33 5.41 2.18
CA PHE A 26 -2.21 4.48 2.33
C PHE A 26 -2.46 3.19 1.56
N GLY A 27 -1.39 2.46 1.28
CA GLY A 27 -1.51 1.21 0.56
C GLY A 27 -1.38 0.00 1.45
N THR A 28 -1.31 -1.18 0.84
CA THR A 28 -1.18 -2.42 1.59
C THR A 28 -0.25 -3.40 0.88
N PRO A 29 0.37 -4.29 1.65
CA PRO A 29 1.30 -5.30 1.13
C PRO A 29 0.58 -6.37 0.30
N GLU A 30 -0.72 -6.52 0.56
CA GLU A 30 -1.51 -7.51 -0.16
C GLU A 30 -1.89 -7.01 -1.55
N ASN A 31 -2.11 -5.71 -1.66
CA ASN A 31 -2.47 -5.11 -2.95
C ASN A 31 -1.22 -4.76 -3.75
N LYS A 32 -0.09 -5.34 -3.37
CA LYS A 32 1.17 -5.09 -4.05
C LYS A 32 1.58 -3.63 -3.93
N GLY A 33 1.44 -3.08 -2.73
CA GLY A 33 1.80 -1.69 -2.51
C GLY A 33 0.61 -0.75 -2.62
N PHE A 34 -0.18 -0.94 -3.67
CA PHE A 34 -1.36 -0.12 -3.89
C PHE A 34 -2.34 -0.21 -2.72
N CYS A 35 -3.34 0.65 -2.70
CA CYS A 35 -4.34 0.65 -1.64
C CYS A 35 -5.62 -0.03 -2.10
N THR A 36 -6.59 -0.12 -1.19
CA THR A 36 -7.86 -0.75 -1.50
C THR A 36 -8.50 -0.14 -2.74
N LEU A 37 -8.50 1.20 -2.79
CA LEU A 37 -9.08 1.91 -3.93
C LEU A 37 -8.34 1.57 -5.22
N CYS A 38 -7.09 2.00 -5.31
CA CYS A 38 -6.27 1.75 -6.50
C CYS A 38 -6.33 0.26 -6.87
N PHE A 39 -6.02 -0.60 -5.92
CA PHE A 39 -6.02 -2.04 -6.14
C PHE A 39 -7.14 -2.43 -7.12
N ILE A 40 -8.34 -1.96 -6.85
CA ILE A 40 -9.49 -2.26 -7.70
C ILE A 40 -9.15 -2.03 -9.16
N GLU A 41 -8.52 -0.90 -9.46
CA GLU A 41 -8.14 -0.56 -10.82
C GLU A 41 -7.16 -1.59 -11.39
N TYR A 42 -6.13 -1.91 -10.61
CA TYR A 42 -5.12 -2.87 -11.03
C TYR A 42 -5.78 -4.10 -11.65
N SER A 43 -6.65 -4.75 -10.89
CA SER A 43 -7.34 -5.94 -11.37
C SER A 43 -8.01 -5.68 -12.71
N GLY A 44 -8.90 -4.69 -12.72
CA GLY A 44 -9.61 -4.36 -13.94
C GLY A 44 -11.07 -4.76 -13.91
N PRO A 45 -11.93 -3.98 -14.56
CA PRO A 45 -13.36 -4.23 -14.61
C PRO A 45 -13.71 -5.46 -15.45
N SER A 46 -13.80 -6.61 -14.79
CA SER A 46 -14.12 -7.86 -15.49
C SER A 46 -15.37 -7.70 -16.33
N SER A 47 -16.48 -7.38 -15.68
CA SER A 47 -17.75 -7.21 -16.39
C SER A 47 -18.32 -5.82 -16.14
N GLY A 48 -19.20 -5.37 -17.04
CA GLY A 48 -19.80 -4.06 -16.90
C GLY A 48 -19.48 -3.16 -18.08
N GLY A 1 11.90 -24.40 -2.69
CA GLY A 1 13.32 -24.15 -2.64
C GLY A 1 13.66 -22.91 -1.84
N SER A 2 14.50 -23.06 -0.83
CA SER A 2 14.90 -21.93 0.02
C SER A 2 16.36 -21.58 -0.22
N SER A 3 16.60 -20.39 -0.78
CA SER A 3 17.95 -19.94 -1.06
C SER A 3 17.96 -18.45 -1.40
N GLY A 4 19.15 -17.86 -1.38
CA GLY A 4 19.27 -16.44 -1.69
C GLY A 4 20.46 -15.81 -0.99
N SER A 5 20.19 -14.92 -0.04
CA SER A 5 21.25 -14.22 0.69
C SER A 5 21.68 -15.04 1.90
N SER A 6 22.98 -15.30 2.00
CA SER A 6 23.53 -16.07 3.11
C SER A 6 23.01 -15.54 4.44
N GLY A 7 23.31 -14.29 4.72
CA GLY A 7 22.87 -13.67 5.97
C GLY A 7 22.99 -12.17 5.95
N THR A 8 21.92 -11.48 5.54
CA THR A 8 21.92 -10.03 5.48
C THR A 8 20.72 -9.45 6.22
N PRO A 9 20.90 -8.26 6.81
CA PRO A 9 19.85 -7.57 7.55
C PRO A 9 18.74 -7.06 6.65
N GLY A 10 17.53 -6.94 7.20
CA GLY A 10 16.40 -6.47 6.42
C GLY A 10 15.85 -5.16 6.95
N ASP A 11 14.92 -4.57 6.20
CA ASP A 11 14.31 -3.31 6.59
C ASP A 11 13.24 -3.53 7.65
N ARG A 12 13.08 -2.56 8.54
CA ARG A 12 12.09 -2.65 9.60
C ARG A 12 10.69 -2.37 9.08
N THR A 13 9.69 -2.94 9.73
CA THR A 13 8.30 -2.76 9.33
C THR A 13 7.80 -1.37 9.68
N GLY A 14 7.10 -0.74 8.74
CA GLY A 14 6.57 0.59 8.97
C GLY A 14 5.45 0.94 8.02
N THR A 15 4.66 1.96 8.39
CA THR A 15 3.53 2.38 7.56
C THR A 15 4.02 3.07 6.29
N SER A 16 3.71 2.46 5.15
CA SER A 16 4.11 3.01 3.86
C SER A 16 2.90 3.55 3.10
N LYS A 17 3.09 4.67 2.40
CA LYS A 17 2.01 5.28 1.62
C LYS A 17 1.73 4.46 0.37
N CYS A 18 0.55 4.68 -0.21
CA CYS A 18 0.15 3.95 -1.41
C CYS A 18 1.20 4.12 -2.51
N ARG A 19 1.29 3.12 -3.39
CA ARG A 19 2.25 3.15 -4.48
C ARG A 19 1.95 4.29 -5.44
N LYS A 20 0.67 4.45 -5.78
CA LYS A 20 0.25 5.51 -6.70
C LYS A 20 0.72 6.88 -6.20
N ALA A 21 1.04 7.77 -7.13
CA ALA A 21 1.49 9.10 -6.79
C ALA A 21 0.33 9.98 -6.34
N GLY A 22 -0.70 10.05 -7.18
CA GLY A 22 -1.87 10.86 -6.85
C GLY A 22 -2.79 10.17 -5.87
N CYS A 23 -2.22 9.64 -4.79
CA CYS A 23 -3.01 8.94 -3.78
C CYS A 23 -2.56 9.34 -2.37
N VAL A 24 -3.41 10.07 -1.66
CA VAL A 24 -3.10 10.51 -0.30
C VAL A 24 -3.19 9.35 0.68
N TYR A 25 -4.21 8.52 0.51
CA TYR A 25 -4.40 7.37 1.39
C TYR A 25 -3.17 6.49 1.43
N PHE A 26 -3.23 5.44 2.24
CA PHE A 26 -2.11 4.51 2.36
C PHE A 26 -2.37 3.22 1.58
N GLY A 27 -1.32 2.43 1.38
CA GLY A 27 -1.46 1.19 0.65
C GLY A 27 -1.30 -0.03 1.55
N THR A 28 -1.27 -1.21 0.92
CA THR A 28 -1.13 -2.46 1.66
C THR A 28 -0.18 -3.42 0.95
N PRO A 29 0.47 -4.30 1.73
CA PRO A 29 1.41 -5.28 1.18
C PRO A 29 0.70 -6.37 0.37
N GLU A 30 -0.59 -6.55 0.62
CA GLU A 30 -1.37 -7.55 -0.10
C GLU A 30 -1.77 -7.04 -1.48
N ASN A 31 -2.09 -5.76 -1.56
CA ASN A 31 -2.48 -5.15 -2.83
C ASN A 31 -1.26 -4.80 -3.68
N LYS A 32 -0.12 -5.36 -3.30
CA LYS A 32 1.13 -5.10 -4.02
C LYS A 32 1.53 -3.63 -3.91
N GLY A 33 1.38 -3.07 -2.72
CA GLY A 33 1.73 -1.67 -2.50
C GLY A 33 0.55 -0.75 -2.62
N PHE A 34 -0.23 -0.92 -3.69
CA PHE A 34 -1.40 -0.09 -3.93
C PHE A 34 -2.38 -0.18 -2.75
N CYS A 35 -3.34 0.74 -2.71
CA CYS A 35 -4.32 0.77 -1.65
C CYS A 35 -5.61 0.07 -2.09
N THR A 36 -6.52 -0.12 -1.14
CA THR A 36 -7.79 -0.78 -1.42
C THR A 36 -8.39 -0.27 -2.74
N LEU A 37 -8.70 1.03 -2.79
CA LEU A 37 -9.27 1.63 -3.98
C LEU A 37 -8.40 1.36 -5.20
N CYS A 38 -7.21 1.96 -5.22
CA CYS A 38 -6.28 1.78 -6.33
C CYS A 38 -6.34 0.36 -6.86
N PHE A 39 -6.07 -0.61 -5.99
CA PHE A 39 -6.10 -2.01 -6.37
C PHE A 39 -7.25 -2.30 -7.33
N ILE A 40 -8.41 -1.72 -7.05
CA ILE A 40 -9.59 -1.91 -7.87
C ILE A 40 -9.24 -1.79 -9.35
N GLU A 41 -8.48 -0.76 -9.69
CA GLU A 41 -8.07 -0.54 -11.08
C GLU A 41 -7.13 -1.64 -11.56
N TYR A 42 -6.17 -1.99 -10.71
CA TYR A 42 -5.21 -3.03 -11.05
C TYR A 42 -5.91 -4.31 -11.47
N SER A 43 -6.85 -4.76 -10.64
CA SER A 43 -7.60 -5.98 -10.92
C SER A 43 -8.94 -5.97 -10.18
N GLY A 44 -10.01 -5.72 -10.92
CA GLY A 44 -11.33 -5.68 -10.33
C GLY A 44 -12.42 -6.07 -11.31
N PRO A 45 -13.67 -6.10 -10.84
CA PRO A 45 -14.83 -6.44 -11.67
C PRO A 45 -15.15 -5.37 -12.70
N SER A 46 -14.51 -5.45 -13.86
CA SER A 46 -14.73 -4.49 -14.92
C SER A 46 -16.00 -4.80 -15.70
N SER A 47 -16.18 -6.07 -16.05
CA SER A 47 -17.36 -6.50 -16.80
C SER A 47 -18.60 -6.45 -15.91
N GLY A 48 -19.61 -5.71 -16.37
CA GLY A 48 -20.85 -5.60 -15.61
C GLY A 48 -22.07 -5.60 -16.51
N GLY A 1 15.52 11.76 9.62
CA GLY A 1 15.00 11.72 8.27
C GLY A 1 16.09 11.49 7.24
N SER A 2 16.56 10.24 7.14
CA SER A 2 17.61 9.90 6.19
C SER A 2 18.87 10.72 6.45
N SER A 3 19.21 10.87 7.73
CA SER A 3 20.40 11.64 8.11
C SER A 3 21.65 11.05 7.50
N GLY A 4 21.93 9.78 7.82
CA GLY A 4 23.10 9.12 7.29
C GLY A 4 22.81 7.70 6.83
N SER A 5 23.62 6.76 7.25
CA SER A 5 23.45 5.36 6.87
C SER A 5 22.59 4.62 7.88
N SER A 6 21.90 3.58 7.43
CA SER A 6 21.04 2.80 8.30
C SER A 6 21.77 1.57 8.84
N GLY A 7 22.35 0.78 7.92
CA GLY A 7 23.08 -0.40 8.34
C GLY A 7 22.18 -1.61 8.48
N THR A 8 21.00 -1.40 9.05
CA THR A 8 20.05 -2.49 9.25
C THR A 8 18.91 -2.42 8.24
N PRO A 9 18.38 -3.60 7.88
CA PRO A 9 17.28 -3.70 6.90
C PRO A 9 15.97 -3.17 7.45
N GLY A 10 15.43 -2.15 6.78
CA GLY A 10 14.19 -1.55 7.22
C GLY A 10 13.31 -1.12 6.05
N ASP A 11 12.72 -2.09 5.37
CA ASP A 11 11.85 -1.82 4.23
C ASP A 11 10.40 -1.76 4.65
N ARG A 12 9.96 -2.78 5.38
CA ARG A 12 8.58 -2.85 5.85
C ARG A 12 8.15 -1.53 6.49
N THR A 13 9.09 -0.87 7.17
CA THR A 13 8.82 0.40 7.83
C THR A 13 8.49 1.48 6.81
N GLY A 14 9.26 1.50 5.72
CA GLY A 14 9.04 2.51 4.68
C GLY A 14 7.88 2.15 3.78
N THR A 15 7.60 3.01 2.81
CA THR A 15 6.50 2.79 1.87
C THR A 15 5.18 2.61 2.61
N SER A 16 4.97 3.42 3.64
CA SER A 16 3.75 3.36 4.43
C SER A 16 2.59 4.02 3.69
N LYS A 17 2.85 4.45 2.46
CA LYS A 17 1.84 5.11 1.65
C LYS A 17 1.53 4.29 0.40
N CYS A 18 0.46 4.68 -0.31
CA CYS A 18 0.06 3.98 -1.52
C CYS A 18 1.11 4.15 -2.62
N ARG A 19 1.44 3.05 -3.28
CA ARG A 19 2.44 3.08 -4.36
C ARG A 19 2.19 4.26 -5.29
N LYS A 20 0.97 4.36 -5.80
CA LYS A 20 0.61 5.44 -6.71
C LYS A 20 0.98 6.80 -6.10
N ALA A 21 1.44 7.71 -6.96
CA ALA A 21 1.82 9.04 -6.50
C ALA A 21 0.60 9.92 -6.26
N GLY A 22 -0.35 9.89 -7.20
CA GLY A 22 -1.55 10.68 -7.07
C GLY A 22 -2.56 10.05 -6.12
N CYS A 23 -2.07 9.55 -4.99
CA CYS A 23 -2.93 8.90 -4.01
C CYS A 23 -2.50 9.27 -2.58
N VAL A 24 -3.33 10.05 -1.91
CA VAL A 24 -3.03 10.47 -0.54
C VAL A 24 -3.16 9.30 0.43
N TYR A 25 -4.17 8.48 0.22
CA TYR A 25 -4.40 7.32 1.08
C TYR A 25 -3.16 6.42 1.13
N PHE A 26 -3.21 5.40 1.99
CA PHE A 26 -2.10 4.48 2.15
C PHE A 26 -2.46 3.10 1.59
N GLY A 27 -1.47 2.41 1.03
CA GLY A 27 -1.69 1.09 0.48
C GLY A 27 -1.38 -0.01 1.47
N THR A 28 -1.23 -1.23 0.96
CA THR A 28 -0.93 -2.38 1.80
C THR A 28 -0.01 -3.37 1.09
N PRO A 29 0.71 -4.18 1.87
CA PRO A 29 1.63 -5.19 1.33
C PRO A 29 0.89 -6.34 0.64
N GLU A 30 -0.40 -6.46 0.92
CA GLU A 30 -1.21 -7.51 0.33
C GLU A 30 -1.71 -7.11 -1.05
N ASN A 31 -2.01 -5.83 -1.21
CA ASN A 31 -2.50 -5.31 -2.48
C ASN A 31 -1.35 -4.94 -3.41
N LYS A 32 -0.16 -5.47 -3.11
CA LYS A 32 1.03 -5.21 -3.90
C LYS A 32 1.41 -3.73 -3.84
N GLY A 33 1.35 -3.17 -2.64
CA GLY A 33 1.69 -1.77 -2.47
C GLY A 33 0.51 -0.84 -2.67
N PHE A 34 -0.25 -1.08 -3.73
CA PHE A 34 -1.43 -0.26 -4.03
C PHE A 34 -2.44 -0.33 -2.90
N CYS A 35 -3.36 0.63 -2.88
CA CYS A 35 -4.40 0.68 -1.84
C CYS A 35 -5.71 0.09 -2.35
N THR A 36 -6.54 -0.36 -1.43
CA THR A 36 -7.83 -0.95 -1.77
C THR A 36 -8.42 -0.29 -3.01
N LEU A 37 -8.52 1.04 -2.98
CA LEU A 37 -9.07 1.79 -4.10
C LEU A 37 -8.31 1.47 -5.39
N CYS A 38 -7.03 1.82 -5.42
CA CYS A 38 -6.20 1.57 -6.60
C CYS A 38 -6.29 0.11 -7.02
N PHE A 39 -5.93 -0.80 -6.12
CA PHE A 39 -5.97 -2.23 -6.40
C PHE A 39 -7.13 -2.56 -7.34
N ILE A 40 -8.33 -2.13 -6.96
CA ILE A 40 -9.52 -2.38 -7.77
C ILE A 40 -9.32 -1.91 -9.21
N GLU A 41 -8.81 -0.69 -9.36
CA GLU A 41 -8.58 -0.14 -10.68
C GLU A 41 -7.49 -0.91 -11.41
N TYR A 42 -6.42 -1.24 -10.70
CA TYR A 42 -5.31 -1.98 -11.29
C TYR A 42 -5.76 -3.35 -11.77
N SER A 43 -5.00 -3.94 -12.69
CA SER A 43 -5.33 -5.25 -13.23
C SER A 43 -4.07 -5.99 -13.67
N GLY A 44 -3.66 -6.98 -12.88
CA GLY A 44 -2.47 -7.75 -13.20
C GLY A 44 -2.43 -8.18 -14.65
N PRO A 45 -1.23 -8.22 -15.22
CA PRO A 45 -1.02 -8.62 -16.63
C PRO A 45 -1.29 -10.10 -16.85
N SER A 46 -2.04 -10.40 -17.91
CA SER A 46 -2.37 -11.79 -18.24
C SER A 46 -2.13 -12.08 -19.72
N SER A 47 -1.06 -12.80 -20.01
CA SER A 47 -0.70 -13.13 -21.39
C SER A 47 -1.96 -13.47 -22.19
N GLY A 48 -2.82 -14.30 -21.62
CA GLY A 48 -4.05 -14.68 -22.29
C GLY A 48 -5.21 -14.85 -21.35
N GLY A 1 0.37 -4.82 32.80
CA GLY A 1 1.32 -4.64 31.71
C GLY A 1 2.65 -4.09 32.19
N SER A 2 3.61 -4.03 31.28
CA SER A 2 4.95 -3.53 31.62
C SER A 2 4.94 -2.01 31.77
N SER A 3 5.06 -1.55 33.01
CA SER A 3 5.06 -0.12 33.30
C SER A 3 6.35 0.53 32.82
N GLY A 4 6.22 1.71 32.20
CA GLY A 4 7.39 2.41 31.71
C GLY A 4 7.05 3.37 30.59
N SER A 5 6.30 2.88 29.60
CA SER A 5 5.90 3.71 28.46
C SER A 5 7.13 4.18 27.69
N SER A 6 8.08 3.28 27.49
CA SER A 6 9.31 3.61 26.76
C SER A 6 9.66 2.51 25.77
N GLY A 7 10.47 2.86 24.78
CA GLY A 7 10.87 1.90 23.77
C GLY A 7 10.02 1.98 22.51
N THR A 8 8.71 1.83 22.68
CA THR A 8 7.78 1.88 21.56
C THR A 8 7.50 3.32 21.14
N PRO A 9 7.20 3.53 19.85
CA PRO A 9 6.90 4.85 19.31
C PRO A 9 5.57 5.40 19.80
N GLY A 10 5.23 6.60 19.35
CA GLY A 10 3.97 7.21 19.76
C GLY A 10 3.07 7.52 18.58
N ASP A 11 2.97 6.59 17.65
CA ASP A 11 2.13 6.76 16.47
C ASP A 11 1.41 5.47 16.12
N ARG A 12 0.18 5.59 15.63
CA ARG A 12 -0.62 4.43 15.26
C ARG A 12 0.05 3.65 14.13
N THR A 13 0.50 2.44 14.46
CA THR A 13 1.17 1.60 13.48
C THR A 13 0.20 1.18 12.36
N GLY A 14 0.75 0.97 11.17
CA GLY A 14 -0.08 0.58 10.04
C GLY A 14 0.75 0.19 8.83
N THR A 15 0.47 0.83 7.69
CA THR A 15 1.20 0.54 6.46
C THR A 15 1.66 1.84 5.79
N SER A 16 2.62 1.70 4.88
CA SER A 16 3.15 2.85 4.16
C SER A 16 2.10 3.44 3.22
N LYS A 17 2.40 4.62 2.67
CA LYS A 17 1.48 5.29 1.76
C LYS A 17 1.29 4.46 0.49
N CYS A 18 0.22 4.75 -0.24
CA CYS A 18 -0.08 4.04 -1.48
C CYS A 18 1.02 4.26 -2.51
N ARG A 19 1.34 3.21 -3.26
CA ARG A 19 2.38 3.29 -4.28
C ARG A 19 2.15 4.49 -5.20
N LYS A 20 0.92 4.64 -5.68
CA LYS A 20 0.57 5.75 -6.56
C LYS A 20 0.97 7.08 -5.94
N ALA A 21 1.41 8.01 -6.78
CA ALA A 21 1.82 9.33 -6.31
C ALA A 21 0.60 10.20 -6.00
N GLY A 22 -0.37 10.20 -6.91
CA GLY A 22 -1.57 10.99 -6.71
C GLY A 22 -2.58 10.30 -5.82
N CYS A 23 -2.10 9.72 -4.73
CA CYS A 23 -2.97 9.02 -3.79
C CYS A 23 -2.62 9.37 -2.35
N VAL A 24 -3.49 10.13 -1.70
CA VAL A 24 -3.28 10.54 -0.31
C VAL A 24 -3.41 9.36 0.63
N TYR A 25 -4.27 8.41 0.28
CA TYR A 25 -4.50 7.23 1.10
C TYR A 25 -3.26 6.34 1.13
N PHE A 26 -3.25 5.37 2.03
CA PHE A 26 -2.13 4.44 2.15
C PHE A 26 -2.47 3.08 1.56
N GLY A 27 -1.44 2.33 1.17
CA GLY A 27 -1.66 1.02 0.59
C GLY A 27 -1.31 -0.10 1.55
N THR A 28 -1.22 -1.32 1.02
CA THR A 28 -0.90 -2.48 1.84
C THR A 28 0.01 -3.45 1.08
N PRO A 29 0.73 -4.29 1.84
CA PRO A 29 1.65 -5.27 1.25
C PRO A 29 0.91 -6.40 0.53
N GLU A 30 -0.37 -6.55 0.84
CA GLU A 30 -1.18 -7.60 0.22
C GLU A 30 -1.69 -7.15 -1.15
N ASN A 31 -1.98 -5.85 -1.26
CA ASN A 31 -2.47 -5.28 -2.51
C ASN A 31 -1.32 -4.89 -3.44
N LYS A 32 -0.14 -5.43 -3.15
CA LYS A 32 1.05 -5.15 -3.97
C LYS A 32 1.41 -3.66 -3.88
N GLY A 33 1.30 -3.10 -2.69
CA GLY A 33 1.62 -1.69 -2.50
C GLY A 33 0.42 -0.80 -2.70
N PHE A 34 -0.36 -1.07 -3.74
CA PHE A 34 -1.54 -0.28 -4.04
C PHE A 34 -2.55 -0.34 -2.90
N CYS A 35 -3.45 0.64 -2.84
CA CYS A 35 -4.46 0.70 -1.80
C CYS A 35 -5.76 0.02 -2.26
N THR A 36 -6.74 -0.03 -1.36
CA THR A 36 -8.03 -0.63 -1.67
C THR A 36 -8.60 -0.08 -2.97
N LEU A 37 -8.59 1.25 -3.10
CA LEU A 37 -9.10 1.90 -4.30
C LEU A 37 -8.29 1.52 -5.53
N CYS A 38 -7.03 1.98 -5.57
CA CYS A 38 -6.14 1.68 -6.68
C CYS A 38 -6.18 0.20 -7.03
N PHE A 39 -5.84 -0.65 -6.05
CA PHE A 39 -5.83 -2.09 -6.25
C PHE A 39 -6.95 -2.51 -7.20
N ILE A 40 -8.18 -2.17 -6.84
CA ILE A 40 -9.33 -2.52 -7.66
C ILE A 40 -9.13 -2.09 -9.11
N GLU A 41 -8.79 -0.81 -9.29
CA GLU A 41 -8.57 -0.26 -10.62
C GLU A 41 -7.52 -1.08 -11.38
N TYR A 42 -6.41 -1.37 -10.71
CA TYR A 42 -5.33 -2.14 -11.31
C TYR A 42 -5.81 -3.52 -11.74
N SER A 43 -5.19 -4.07 -12.78
CA SER A 43 -5.56 -5.39 -13.29
C SER A 43 -5.02 -6.49 -12.39
N GLY A 44 -3.70 -6.50 -12.19
CA GLY A 44 -3.08 -7.51 -11.35
C GLY A 44 -2.12 -8.39 -12.12
N PRO A 45 -1.78 -9.55 -11.54
CA PRO A 45 -0.86 -10.51 -12.16
C PRO A 45 -1.47 -11.19 -13.38
N SER A 46 -1.28 -10.57 -14.55
CA SER A 46 -1.80 -11.12 -15.79
C SER A 46 -0.86 -12.17 -16.37
N SER A 47 0.42 -11.80 -16.48
CA SER A 47 1.42 -12.71 -17.03
C SER A 47 2.27 -13.31 -15.91
N GLY A 48 2.94 -14.42 -16.22
CA GLY A 48 3.77 -15.08 -15.24
C GLY A 48 3.50 -16.57 -15.16
N GLY A 1 -18.05 -10.65 9.21
CA GLY A 1 -17.01 -10.10 10.07
C GLY A 1 -16.40 -11.15 10.97
N SER A 2 -15.65 -12.07 10.39
CA SER A 2 -15.00 -13.13 11.15
C SER A 2 -13.81 -12.60 11.92
N SER A 3 -12.95 -11.84 11.23
CA SER A 3 -11.76 -11.28 11.86
C SER A 3 -12.10 -9.99 12.60
N GLY A 4 -11.13 -9.46 13.33
CA GLY A 4 -11.34 -8.24 14.08
C GLY A 4 -10.03 -7.59 14.51
N SER A 5 -9.31 -7.04 13.55
CA SER A 5 -8.03 -6.40 13.83
C SER A 5 -8.25 -5.08 14.59
N SER A 6 -7.27 -4.73 15.42
CA SER A 6 -7.36 -3.50 16.22
C SER A 6 -5.98 -3.08 16.69
N GLY A 7 -5.84 -1.78 17.00
CA GLY A 7 -4.57 -1.26 17.47
C GLY A 7 -4.70 -0.48 18.75
N THR A 8 -3.82 0.51 18.93
CA THR A 8 -3.85 1.34 20.13
C THR A 8 -3.58 2.81 19.79
N PRO A 9 -4.26 3.71 20.50
CA PRO A 9 -4.12 5.16 20.29
C PRO A 9 -2.75 5.67 20.75
N GLY A 10 -1.77 5.60 19.86
CA GLY A 10 -0.43 6.07 20.20
C GLY A 10 0.44 6.26 18.98
N ASP A 11 0.49 5.24 18.13
CA ASP A 11 1.30 5.30 16.91
C ASP A 11 0.50 5.92 15.76
N ARG A 12 1.16 6.06 14.62
CA ARG A 12 0.52 6.64 13.44
C ARG A 12 -0.52 5.68 12.85
N THR A 13 -1.54 6.24 12.21
CA THR A 13 -2.59 5.43 11.60
C THR A 13 -2.12 4.78 10.31
N GLY A 14 -1.44 5.56 9.48
CA GLY A 14 -0.94 5.03 8.21
C GLY A 14 0.53 5.30 8.03
N THR A 15 1.37 4.50 8.69
CA THR A 15 2.81 4.66 8.58
C THR A 15 3.25 4.80 7.13
N SER A 16 2.73 3.95 6.27
CA SER A 16 3.07 3.99 4.85
C SER A 16 1.93 4.58 4.03
N LYS A 17 2.23 4.98 2.81
CA LYS A 17 1.24 5.56 1.92
C LYS A 17 1.06 4.72 0.66
N CYS A 18 0.01 5.01 -0.10
CA CYS A 18 -0.26 4.28 -1.34
C CYS A 18 0.87 4.47 -2.34
N ARG A 19 1.04 3.48 -3.22
CA ARG A 19 2.10 3.54 -4.23
C ARG A 19 1.80 4.61 -5.26
N LYS A 20 0.55 4.66 -5.71
CA LYS A 20 0.13 5.64 -6.70
C LYS A 20 0.35 7.06 -6.19
N ALA A 21 0.87 7.92 -7.06
CA ALA A 21 1.13 9.32 -6.71
C ALA A 21 -0.17 10.09 -6.57
N GLY A 22 -0.24 10.95 -5.56
CA GLY A 22 -1.43 11.75 -5.33
C GLY A 22 -2.41 11.08 -4.40
N CYS A 23 -2.56 9.76 -4.54
CA CYS A 23 -3.47 9.01 -3.70
C CYS A 23 -3.16 9.22 -2.23
N VAL A 24 -3.97 10.05 -1.57
CA VAL A 24 -3.78 10.33 -0.15
C VAL A 24 -3.83 9.06 0.68
N TYR A 25 -4.76 8.18 0.34
CA TYR A 25 -4.92 6.91 1.06
C TYR A 25 -3.59 6.16 1.13
N PHE A 26 -3.51 5.20 2.05
CA PHE A 26 -2.30 4.41 2.21
C PHE A 26 -2.43 3.07 1.50
N GLY A 27 -1.30 2.51 1.09
CA GLY A 27 -1.30 1.24 0.40
C GLY A 27 -1.25 0.05 1.35
N THR A 28 -1.25 -1.16 0.79
CA THR A 28 -1.21 -2.37 1.60
C THR A 28 -0.26 -3.39 0.99
N PRO A 29 0.30 -4.26 1.85
CA PRO A 29 1.24 -5.30 1.42
C PRO A 29 0.54 -6.41 0.64
N GLU A 30 -0.79 -6.45 0.72
CA GLU A 30 -1.57 -7.45 0.02
C GLU A 30 -1.94 -6.96 -1.39
N ASN A 31 -2.05 -5.65 -1.54
CA ASN A 31 -2.40 -5.06 -2.83
C ASN A 31 -1.15 -4.76 -3.64
N LYS A 32 -0.04 -5.39 -3.27
CA LYS A 32 1.22 -5.18 -3.96
C LYS A 32 1.68 -3.73 -3.86
N GLY A 33 1.53 -3.16 -2.67
CA GLY A 33 1.94 -1.78 -2.46
C GLY A 33 0.79 -0.81 -2.63
N PHE A 34 -0.05 -1.04 -3.64
CA PHE A 34 -1.19 -0.17 -3.90
C PHE A 34 -2.20 -0.24 -2.75
N CYS A 35 -3.21 0.61 -2.82
CA CYS A 35 -4.24 0.66 -1.79
C CYS A 35 -5.53 -0.01 -2.27
N THR A 36 -6.44 -0.28 -1.33
CA THR A 36 -7.71 -0.91 -1.67
C THR A 36 -8.32 -0.29 -2.91
N LEU A 37 -8.57 1.01 -2.86
CA LEU A 37 -9.17 1.73 -3.98
C LEU A 37 -8.42 1.42 -5.28
N CYS A 38 -7.19 1.90 -5.37
CA CYS A 38 -6.36 1.68 -6.56
C CYS A 38 -6.43 0.21 -6.99
N PHE A 39 -5.98 -0.68 -6.12
CA PHE A 39 -5.99 -2.11 -6.41
C PHE A 39 -7.19 -2.48 -7.29
N ILE A 40 -8.37 -2.02 -6.88
CA ILE A 40 -9.59 -2.30 -7.63
C ILE A 40 -9.40 -2.04 -9.12
N GLU A 41 -8.84 -0.87 -9.44
CA GLU A 41 -8.60 -0.51 -10.83
C GLU A 41 -7.42 -1.27 -11.40
N TYR A 42 -6.37 -1.42 -10.61
CA TYR A 42 -5.17 -2.15 -11.03
C TYR A 42 -5.42 -3.64 -11.08
N SER A 43 -5.20 -4.24 -12.25
CA SER A 43 -5.41 -5.68 -12.44
C SER A 43 -4.69 -6.47 -11.35
N GLY A 44 -3.37 -6.38 -11.32
CA GLY A 44 -2.59 -7.10 -10.33
C GLY A 44 -2.89 -8.58 -10.33
N PRO A 45 -2.45 -9.28 -9.26
CA PRO A 45 -2.66 -10.72 -9.12
C PRO A 45 -4.13 -11.07 -8.88
N SER A 46 -4.98 -10.06 -8.91
CA SER A 46 -6.42 -10.27 -8.69
C SER A 46 -6.99 -11.25 -9.71
N SER A 47 -7.37 -12.43 -9.23
CA SER A 47 -7.92 -13.46 -10.10
C SER A 47 -9.42 -13.26 -10.31
N GLY A 48 -10.17 -13.27 -9.21
CA GLY A 48 -11.60 -13.08 -9.29
C GLY A 48 -12.37 -14.34 -8.93
N GLY A 1 21.06 4.52 7.16
CA GLY A 1 20.99 5.43 6.04
C GLY A 1 19.56 5.73 5.63
N SER A 2 18.97 6.74 6.25
CA SER A 2 17.59 7.12 5.95
C SER A 2 17.51 8.62 5.62
N SER A 3 16.42 9.00 4.95
CA SER A 3 16.22 10.39 4.58
C SER A 3 15.40 11.13 5.64
N GLY A 4 15.60 12.45 5.72
CA GLY A 4 14.88 13.24 6.70
C GLY A 4 15.77 14.23 7.42
N SER A 5 15.27 15.45 7.58
CA SER A 5 16.04 16.51 8.25
C SER A 5 16.51 16.04 9.62
N SER A 6 17.27 16.89 10.30
CA SER A 6 17.81 16.57 11.61
C SER A 6 16.78 16.86 12.70
N GLY A 7 16.54 15.88 13.57
CA GLY A 7 15.58 16.05 14.64
C GLY A 7 15.41 14.80 15.47
N THR A 8 14.29 14.10 15.26
CA THR A 8 14.01 12.88 16.01
C THR A 8 13.62 11.74 15.06
N PRO A 9 13.84 10.49 15.51
CA PRO A 9 13.52 9.30 14.72
C PRO A 9 12.01 9.09 14.59
N GLY A 10 11.24 10.02 15.14
CA GLY A 10 9.79 9.92 15.06
C GLY A 10 9.25 10.28 13.69
N ASP A 11 9.82 9.68 12.66
CA ASP A 11 9.39 9.94 11.29
C ASP A 11 9.75 8.78 10.37
N ARG A 12 8.74 7.96 10.05
CA ARG A 12 8.95 6.81 9.18
C ARG A 12 8.17 6.97 7.88
N THR A 13 8.86 6.84 6.75
CA THR A 13 8.24 6.97 5.45
C THR A 13 8.75 5.90 4.48
N GLY A 14 8.12 5.81 3.32
CA GLY A 14 8.53 4.83 2.33
C GLY A 14 7.35 4.10 1.72
N THR A 15 6.94 3.00 2.35
CA THR A 15 5.83 2.20 1.86
C THR A 15 4.62 2.33 2.78
N SER A 16 4.66 3.32 3.68
CA SER A 16 3.57 3.54 4.61
C SER A 16 2.36 4.14 3.91
N LYS A 17 2.52 4.41 2.62
CA LYS A 17 1.44 4.99 1.82
C LYS A 17 1.30 4.26 0.48
N CYS A 18 0.22 4.55 -0.23
CA CYS A 18 -0.02 3.93 -1.53
C CYS A 18 1.16 4.14 -2.47
N ARG A 19 1.45 3.14 -3.29
CA ARG A 19 2.56 3.22 -4.24
C ARG A 19 2.32 4.33 -5.25
N LYS A 20 1.10 4.40 -5.77
CA LYS A 20 0.74 5.42 -6.75
C LYS A 20 1.11 6.81 -6.25
N ALA A 21 1.55 7.68 -7.17
CA ALA A 21 1.92 9.04 -6.81
C ALA A 21 0.69 9.90 -6.58
N GLY A 22 -0.26 9.85 -7.52
CA GLY A 22 -1.47 10.63 -7.39
C GLY A 22 -2.47 10.01 -6.43
N CYS A 23 -1.97 9.54 -5.29
CA CYS A 23 -2.82 8.91 -4.29
C CYS A 23 -2.44 9.37 -2.88
N VAL A 24 -3.43 9.79 -2.12
CA VAL A 24 -3.20 10.26 -0.75
C VAL A 24 -3.39 9.14 0.25
N TYR A 25 -4.38 8.28 -0.01
CA TYR A 25 -4.68 7.16 0.87
C TYR A 25 -3.44 6.33 1.13
N PHE A 26 -3.56 5.33 2.00
CA PHE A 26 -2.45 4.45 2.33
C PHE A 26 -2.49 3.18 1.49
N GLY A 27 -1.39 2.43 1.52
CA GLY A 27 -1.32 1.20 0.76
C GLY A 27 -1.27 -0.03 1.64
N THR A 28 -1.20 -1.21 1.02
CA THR A 28 -1.15 -2.47 1.75
C THR A 28 -0.21 -3.45 1.08
N PRO A 29 0.31 -4.41 1.88
CA PRO A 29 1.23 -5.43 1.38
C PRO A 29 0.54 -6.44 0.46
N GLU A 30 -0.74 -6.68 0.72
CA GLU A 30 -1.51 -7.62 -0.08
C GLU A 30 -1.79 -7.05 -1.47
N ASN A 31 -2.05 -5.75 -1.53
CA ASN A 31 -2.34 -5.08 -2.80
C ASN A 31 -1.04 -4.72 -3.52
N LYS A 32 0.04 -5.36 -3.12
CA LYS A 32 1.35 -5.12 -3.74
C LYS A 32 1.72 -3.65 -3.64
N GLY A 33 1.48 -3.05 -2.48
CA GLY A 33 1.80 -1.65 -2.28
C GLY A 33 0.61 -0.74 -2.52
N PHE A 34 -0.07 -0.95 -3.64
CA PHE A 34 -1.24 -0.14 -3.98
C PHE A 34 -2.29 -0.20 -2.88
N CYS A 35 -3.17 0.79 -2.86
CA CYS A 35 -4.23 0.86 -1.87
C CYS A 35 -5.49 0.15 -2.36
N THR A 36 -6.43 -0.08 -1.45
CA THR A 36 -7.69 -0.74 -1.79
C THR A 36 -8.28 -0.17 -3.07
N LEU A 37 -8.44 1.15 -3.10
CA LEU A 37 -9.01 1.82 -4.27
C LEU A 37 -8.24 1.43 -5.53
N CYS A 38 -6.99 1.87 -5.62
CA CYS A 38 -6.16 1.56 -6.78
C CYS A 38 -6.20 0.07 -7.11
N PHE A 39 -5.76 -0.75 -6.16
CA PHE A 39 -5.74 -2.19 -6.35
C PHE A 39 -6.94 -2.64 -7.18
N ILE A 40 -8.13 -2.21 -6.79
CA ILE A 40 -9.35 -2.57 -7.49
C ILE A 40 -9.29 -2.13 -8.96
N GLU A 41 -8.96 -0.86 -9.17
CA GLU A 41 -8.86 -0.32 -10.51
C GLU A 41 -7.87 -1.12 -11.35
N TYR A 42 -6.74 -1.47 -10.75
CA TYR A 42 -5.70 -2.24 -11.44
C TYR A 42 -6.26 -3.54 -12.00
N SER A 43 -5.74 -3.97 -13.13
CA SER A 43 -6.18 -5.21 -13.76
C SER A 43 -5.05 -5.85 -14.56
N GLY A 44 -4.49 -6.92 -14.02
CA GLY A 44 -3.40 -7.61 -14.70
C GLY A 44 -2.98 -8.87 -13.95
N PRO A 45 -3.62 -10.00 -14.28
CA PRO A 45 -3.31 -11.29 -13.66
C PRO A 45 -1.95 -11.83 -14.07
N SER A 46 -1.55 -11.51 -15.30
CA SER A 46 -0.26 -11.96 -15.83
C SER A 46 0.15 -11.14 -17.04
N SER A 47 1.46 -11.03 -17.26
CA SER A 47 1.98 -10.27 -18.38
C SER A 47 1.87 -11.06 -19.68
N GLY A 48 2.11 -10.39 -20.81
CA GLY A 48 2.03 -11.04 -22.09
C GLY A 48 0.61 -11.45 -22.45
N GLY A 1 -2.85 29.48 34.01
CA GLY A 1 -2.17 29.24 32.75
C GLY A 1 -2.80 28.11 31.97
N SER A 2 -2.93 28.30 30.66
CA SER A 2 -3.53 27.29 29.80
C SER A 2 -2.60 26.09 29.64
N SER A 3 -3.10 25.04 29.00
CA SER A 3 -2.31 23.83 28.80
C SER A 3 -2.59 23.23 27.41
N GLY A 4 -1.52 22.98 26.66
CA GLY A 4 -1.67 22.42 25.33
C GLY A 4 -2.09 20.96 25.37
N SER A 5 -1.96 20.28 24.23
CA SER A 5 -2.33 18.88 24.14
C SER A 5 -1.77 18.25 22.87
N SER A 6 -1.74 16.92 22.83
CA SER A 6 -1.21 16.19 21.68
C SER A 6 -2.25 16.15 20.55
N GLY A 7 -1.80 15.77 19.36
CA GLY A 7 -2.69 15.68 18.22
C GLY A 7 -3.09 14.26 17.90
N THR A 8 -2.48 13.70 16.86
CA THR A 8 -2.77 12.34 16.44
C THR A 8 -1.62 11.39 16.78
N PRO A 9 -1.95 10.14 17.12
CA PRO A 9 -0.97 9.12 17.47
C PRO A 9 -0.15 8.68 16.27
N GLY A 10 -0.41 9.30 15.12
CA GLY A 10 0.32 8.94 13.90
C GLY A 10 -0.49 8.05 12.99
N ASP A 11 0.09 6.92 12.61
CA ASP A 11 -0.58 5.96 11.73
C ASP A 11 -1.25 4.85 12.54
N ARG A 12 -2.55 4.69 12.34
CA ARG A 12 -3.31 3.67 13.04
C ARG A 12 -2.82 2.28 12.68
N THR A 13 -2.91 1.94 11.40
CA THR A 13 -2.47 0.63 10.91
C THR A 13 -2.05 0.70 9.46
N GLY A 14 -0.97 0.00 9.12
CA GLY A 14 -0.48 -0.02 7.76
C GLY A 14 1.03 -0.09 7.67
N THR A 15 1.54 -0.47 6.51
CA THR A 15 2.98 -0.59 6.31
C THR A 15 3.56 0.69 5.71
N SER A 16 3.10 1.04 4.52
CA SER A 16 3.57 2.25 3.84
C SER A 16 2.44 2.91 3.06
N LYS A 17 2.73 4.06 2.47
CA LYS A 17 1.75 4.79 1.69
C LYS A 17 1.51 4.14 0.33
N CYS A 18 0.41 4.49 -0.31
CA CYS A 18 0.07 3.93 -1.61
C CYS A 18 1.18 4.19 -2.63
N ARG A 19 1.44 3.21 -3.48
CA ARG A 19 2.48 3.33 -4.50
C ARG A 19 2.16 4.47 -5.46
N LYS A 20 0.90 4.55 -5.88
CA LYS A 20 0.47 5.59 -6.80
C LYS A 20 0.83 6.98 -6.27
N ALA A 21 1.33 7.83 -7.17
CA ALA A 21 1.71 9.19 -6.79
C ALA A 21 0.49 10.04 -6.49
N GLY A 22 -0.52 9.93 -7.35
CA GLY A 22 -1.74 10.71 -7.15
C GLY A 22 -2.68 10.07 -6.16
N CYS A 23 -2.13 9.58 -5.05
CA CYS A 23 -2.94 8.94 -4.02
C CYS A 23 -2.46 9.36 -2.63
N VAL A 24 -3.27 10.16 -1.94
CA VAL A 24 -2.94 10.63 -0.61
C VAL A 24 -3.29 9.59 0.45
N TYR A 25 -3.75 8.42 -0.01
CA TYR A 25 -4.13 7.34 0.90
C TYR A 25 -2.97 6.38 1.10
N PHE A 26 -3.15 5.43 2.02
CA PHE A 26 -2.12 4.44 2.31
C PHE A 26 -2.35 3.16 1.53
N GLY A 27 -1.33 2.32 1.46
CA GLY A 27 -1.45 1.06 0.73
C GLY A 27 -1.23 -0.14 1.63
N THR A 28 -1.19 -1.33 1.02
CA THR A 28 -1.00 -2.56 1.77
C THR A 28 -0.07 -3.52 1.02
N PRO A 29 0.60 -4.41 1.77
CA PRO A 29 1.53 -5.39 1.20
C PRO A 29 0.81 -6.46 0.39
N GLU A 30 -0.48 -6.64 0.67
CA GLU A 30 -1.28 -7.64 -0.04
C GLU A 30 -1.82 -7.08 -1.34
N ASN A 31 -2.07 -5.76 -1.35
CA ASN A 31 -2.59 -5.10 -2.54
C ASN A 31 -1.48 -4.70 -3.49
N LYS A 32 -0.30 -5.30 -3.30
CA LYS A 32 0.85 -5.01 -4.14
C LYS A 32 1.29 -3.57 -3.98
N GLY A 33 1.28 -3.08 -2.74
CA GLY A 33 1.68 -1.71 -2.46
C GLY A 33 0.52 -0.73 -2.62
N PHE A 34 -0.25 -0.89 -3.69
CA PHE A 34 -1.38 -0.01 -3.93
C PHE A 34 -2.41 -0.11 -2.81
N CYS A 35 -3.34 0.84 -2.77
CA CYS A 35 -4.38 0.85 -1.75
C CYS A 35 -5.62 0.11 -2.23
N THR A 36 -6.61 0.00 -1.35
CA THR A 36 -7.85 -0.70 -1.68
C THR A 36 -8.45 -0.14 -2.97
N LEU A 37 -8.68 1.17 -3.01
CA LEU A 37 -9.24 1.82 -4.17
C LEU A 37 -8.45 1.49 -5.43
N CYS A 38 -7.22 2.00 -5.50
CA CYS A 38 -6.35 1.76 -6.64
C CYS A 38 -6.32 0.28 -7.00
N PHE A 39 -5.93 -0.55 -6.04
CA PHE A 39 -5.87 -1.99 -6.26
C PHE A 39 -6.98 -2.46 -7.20
N ILE A 40 -8.22 -2.13 -6.85
CA ILE A 40 -9.36 -2.51 -7.66
C ILE A 40 -9.13 -2.18 -9.14
N GLU A 41 -8.67 -0.96 -9.40
CA GLU A 41 -8.41 -0.52 -10.76
C GLU A 41 -7.34 -1.39 -11.41
N TYR A 42 -6.26 -1.66 -10.68
CA TYR A 42 -5.17 -2.47 -11.18
C TYR A 42 -5.66 -3.86 -11.58
N SER A 43 -5.32 -4.27 -12.80
CA SER A 43 -5.73 -5.58 -13.30
C SER A 43 -4.63 -6.61 -13.11
N GLY A 44 -3.52 -6.44 -13.83
CA GLY A 44 -2.41 -7.36 -13.73
C GLY A 44 -1.46 -7.27 -14.90
N PRO A 45 -0.51 -8.22 -14.98
CA PRO A 45 0.47 -8.25 -16.07
C PRO A 45 -0.15 -8.62 -17.40
N SER A 46 -1.12 -9.54 -17.38
CA SER A 46 -1.79 -9.96 -18.60
C SER A 46 -2.56 -8.82 -19.24
N SER A 47 -2.46 -8.70 -20.56
CA SER A 47 -3.14 -7.64 -21.29
C SER A 47 -4.62 -7.95 -21.44
N GLY A 48 -4.93 -9.21 -21.80
CA GLY A 48 -6.31 -9.61 -21.96
C GLY A 48 -6.63 -10.00 -23.39
N GLY A 1 16.81 -8.92 23.31
CA GLY A 1 16.44 -10.22 23.85
C GLY A 1 15.23 -10.79 23.15
N SER A 2 15.22 -12.12 23.00
CA SER A 2 14.11 -12.80 22.34
C SER A 2 13.27 -13.59 23.36
N SER A 3 11.95 -13.39 23.29
CA SER A 3 11.04 -14.07 24.21
C SER A 3 9.92 -14.75 23.44
N GLY A 4 9.22 -15.68 24.10
CA GLY A 4 8.12 -16.38 23.47
C GLY A 4 6.91 -15.50 23.27
N SER A 5 6.89 -14.75 22.17
CA SER A 5 5.78 -13.86 21.86
C SER A 5 4.98 -14.38 20.68
N SER A 6 3.67 -14.19 20.73
CA SER A 6 2.79 -14.64 19.65
C SER A 6 3.00 -13.81 18.40
N GLY A 7 3.65 -14.41 17.40
CA GLY A 7 3.91 -13.71 16.15
C GLY A 7 5.13 -12.82 16.24
N THR A 8 4.90 -11.51 16.24
CA THR A 8 5.99 -10.55 16.30
C THR A 8 5.93 -9.73 17.59
N PRO A 9 7.11 -9.40 18.15
CA PRO A 9 7.21 -8.63 19.38
C PRO A 9 6.79 -7.17 19.19
N GLY A 10 6.35 -6.85 17.98
CA GLY A 10 5.91 -5.50 17.69
C GLY A 10 6.82 -4.80 16.69
N ASP A 11 6.78 -5.26 15.44
CA ASP A 11 7.61 -4.68 14.39
C ASP A 11 7.17 -3.25 14.10
N ARG A 12 8.15 -2.40 13.80
CA ARG A 12 7.88 -1.00 13.50
C ARG A 12 7.09 -0.87 12.20
N THR A 13 6.13 0.06 12.19
CA THR A 13 5.31 0.28 11.01
C THR A 13 5.18 1.77 10.71
N GLY A 14 5.79 2.20 9.61
CA GLY A 14 5.74 3.60 9.22
C GLY A 14 4.44 3.96 8.54
N THR A 15 4.51 4.86 7.56
CA THR A 15 3.33 5.28 6.82
C THR A 15 2.93 4.24 5.79
N SER A 16 3.83 3.93 4.87
CA SER A 16 3.56 2.95 3.82
C SER A 16 2.42 3.42 2.92
N LYS A 17 2.44 4.70 2.57
CA LYS A 17 1.41 5.27 1.72
C LYS A 17 1.30 4.50 0.40
N CYS A 18 0.19 4.68 -0.29
CA CYS A 18 -0.03 4.00 -1.57
C CYS A 18 1.12 4.27 -2.53
N ARG A 19 1.45 3.26 -3.33
CA ARG A 19 2.54 3.38 -4.30
C ARG A 19 2.35 4.62 -5.18
N LYS A 20 1.15 4.78 -5.70
CA LYS A 20 0.83 5.93 -6.56
C LYS A 20 1.23 7.23 -5.88
N ALA A 21 1.76 8.17 -6.67
CA ALA A 21 2.19 9.46 -6.15
C ALA A 21 0.98 10.34 -5.83
N GLY A 22 0.02 10.38 -6.75
CA GLY A 22 -1.17 11.18 -6.55
C GLY A 22 -2.26 10.44 -5.81
N CYS A 23 -1.90 9.85 -4.67
CA CYS A 23 -2.85 9.10 -3.86
C CYS A 23 -2.72 9.46 -2.38
N VAL A 24 -3.78 9.99 -1.81
CA VAL A 24 -3.79 10.37 -0.40
C VAL A 24 -3.91 9.16 0.50
N TYR A 25 -4.74 8.20 0.09
CA TYR A 25 -4.95 6.99 0.86
C TYR A 25 -3.63 6.24 1.09
N PHE A 26 -3.67 5.23 1.93
CA PHE A 26 -2.48 4.43 2.23
C PHE A 26 -2.51 3.11 1.48
N GLY A 27 -1.32 2.59 1.16
CA GLY A 27 -1.24 1.33 0.45
C GLY A 27 -1.17 0.14 1.38
N THR A 28 -1.26 -1.05 0.81
CA THR A 28 -1.22 -2.28 1.60
C THR A 28 -0.29 -3.31 0.97
N PRO A 29 0.28 -4.19 1.81
CA PRO A 29 1.20 -5.24 1.35
C PRO A 29 0.48 -6.32 0.55
N GLU A 30 -0.81 -6.45 0.77
CA GLU A 30 -1.61 -7.46 0.06
C GLU A 30 -1.87 -7.02 -1.37
N ASN A 31 -2.09 -5.72 -1.57
CA ASN A 31 -2.36 -5.18 -2.89
C ASN A 31 -1.06 -4.90 -3.64
N LYS A 32 0.04 -5.48 -3.16
CA LYS A 32 1.34 -5.30 -3.78
C LYS A 32 1.76 -3.83 -3.75
N GLY A 33 1.45 -3.17 -2.64
CA GLY A 33 1.80 -1.76 -2.51
C GLY A 33 0.60 -0.85 -2.64
N PHE A 34 -0.14 -0.99 -3.75
CA PHE A 34 -1.31 -0.17 -3.99
C PHE A 34 -2.28 -0.24 -2.81
N CYS A 35 -3.26 0.66 -2.81
CA CYS A 35 -4.26 0.71 -1.75
C CYS A 35 -5.52 -0.06 -2.15
N THR A 36 -6.48 -0.12 -1.24
CA THR A 36 -7.74 -0.81 -1.50
C THR A 36 -8.37 -0.32 -2.81
N LEU A 37 -8.38 0.99 -3.01
CA LEU A 37 -8.96 1.58 -4.20
C LEU A 37 -8.13 1.21 -5.44
N CYS A 38 -6.92 1.74 -5.52
CA CYS A 38 -6.03 1.46 -6.64
C CYS A 38 -5.97 -0.03 -6.94
N PHE A 39 -6.03 -0.84 -5.88
CA PHE A 39 -5.98 -2.29 -6.03
C PHE A 39 -7.10 -2.78 -6.93
N ILE A 40 -8.24 -2.09 -6.88
CA ILE A 40 -9.40 -2.46 -7.69
C ILE A 40 -9.21 -2.03 -9.15
N GLU A 41 -8.96 -0.74 -9.34
CA GLU A 41 -8.76 -0.20 -10.69
C GLU A 41 -7.65 -0.95 -11.41
N TYR A 42 -6.56 -1.23 -10.68
CA TYR A 42 -5.43 -1.94 -11.25
C TYR A 42 -5.83 -3.35 -11.69
N SER A 43 -5.24 -3.81 -12.79
CA SER A 43 -5.54 -5.14 -13.31
C SER A 43 -4.32 -5.73 -14.02
N GLY A 44 -3.64 -6.65 -13.33
CA GLY A 44 -2.46 -7.27 -13.91
C GLY A 44 -2.72 -8.68 -14.38
N PRO A 45 -3.04 -8.82 -15.68
CA PRO A 45 -3.33 -10.11 -16.30
C PRO A 45 -2.08 -11.00 -16.41
N SER A 46 -2.30 -12.30 -16.42
CA SER A 46 -1.20 -13.26 -16.51
C SER A 46 -1.01 -13.74 -17.95
N SER A 47 0.21 -13.60 -18.45
CA SER A 47 0.52 -14.01 -19.82
C SER A 47 1.83 -14.81 -19.85
N GLY A 48 2.15 -15.35 -21.02
CA GLY A 48 3.36 -16.12 -21.18
C GLY A 48 4.36 -15.46 -22.12
N GLY A 1 13.33 -7.99 23.95
CA GLY A 1 12.22 -8.43 23.10
C GLY A 1 12.49 -9.77 22.45
N SER A 2 11.55 -10.23 21.64
CA SER A 2 11.69 -11.50 20.95
C SER A 2 12.70 -11.41 19.82
N SER A 3 13.24 -10.20 19.61
CA SER A 3 14.23 -9.97 18.56
C SER A 3 15.57 -10.60 18.92
N GLY A 4 16.30 -11.05 17.91
CA GLY A 4 17.59 -11.66 18.13
C GLY A 4 18.28 -12.06 16.85
N SER A 5 17.91 -13.21 16.31
CA SER A 5 18.50 -13.70 15.07
C SER A 5 18.70 -12.57 14.07
N SER A 6 17.66 -11.75 13.90
CA SER A 6 17.70 -10.63 12.98
C SER A 6 18.62 -9.53 13.50
N GLY A 7 19.44 -8.98 12.60
CA GLY A 7 20.36 -7.92 12.99
C GLY A 7 20.75 -7.04 11.82
N THR A 8 19.96 -6.01 11.57
CA THR A 8 20.23 -5.09 10.47
C THR A 8 20.04 -3.64 10.90
N PRO A 9 20.80 -2.73 10.29
CA PRO A 9 20.73 -1.29 10.60
C PRO A 9 19.42 -0.66 10.12
N GLY A 10 19.34 0.66 10.22
CA GLY A 10 18.14 1.36 9.81
C GLY A 10 18.08 1.55 8.31
N ASP A 11 17.26 0.75 7.64
CA ASP A 11 17.10 0.83 6.19
C ASP A 11 16.31 2.06 5.80
N ARG A 12 15.14 2.23 6.41
CA ARG A 12 14.28 3.39 6.12
C ARG A 12 13.97 3.46 4.63
N THR A 13 13.66 2.31 4.03
CA THR A 13 13.34 2.24 2.61
C THR A 13 11.90 1.82 2.39
N GLY A 14 11.20 2.54 1.52
CA GLY A 14 9.81 2.23 1.24
C GLY A 14 8.85 2.89 2.21
N THR A 15 7.79 3.50 1.67
CA THR A 15 6.81 4.17 2.51
C THR A 15 5.56 3.30 2.70
N SER A 16 4.85 3.56 3.79
CA SER A 16 3.64 2.79 4.10
C SER A 16 2.43 3.37 3.36
N LYS A 17 2.69 4.22 2.37
CA LYS A 17 1.64 4.84 1.59
C LYS A 17 1.41 4.07 0.29
N CYS A 18 0.35 4.42 -0.42
CA CYS A 18 0.01 3.76 -1.68
C CYS A 18 1.15 3.93 -2.68
N ARG A 19 1.44 2.86 -3.42
CA ARG A 19 2.51 2.88 -4.41
C ARG A 19 2.31 4.04 -5.39
N LYS A 20 1.07 4.22 -5.85
CA LYS A 20 0.75 5.29 -6.78
C LYS A 20 1.25 6.64 -6.26
N ALA A 21 1.70 7.50 -7.18
CA ALA A 21 2.20 8.81 -6.81
C ALA A 21 1.06 9.76 -6.48
N GLY A 22 0.08 9.83 -7.38
CA GLY A 22 -1.06 10.71 -7.16
C GLY A 22 -2.10 10.10 -6.25
N CYS A 23 -1.65 9.52 -5.15
CA CYS A 23 -2.55 8.89 -4.19
C CYS A 23 -2.15 9.26 -2.75
N VAL A 24 -3.02 9.98 -2.07
CA VAL A 24 -2.77 10.39 -0.69
C VAL A 24 -3.03 9.24 0.27
N TYR A 25 -3.99 8.39 -0.06
CA TYR A 25 -4.34 7.25 0.78
C TYR A 25 -3.15 6.31 0.95
N PHE A 26 -3.25 5.42 1.92
CA PHE A 26 -2.17 4.47 2.18
C PHE A 26 -2.48 3.11 1.57
N GLY A 27 -1.44 2.35 1.25
CA GLY A 27 -1.62 1.04 0.64
C GLY A 27 -1.26 -0.08 1.60
N THR A 28 -1.21 -1.30 1.07
CA THR A 28 -0.88 -2.47 1.88
C THR A 28 0.03 -3.42 1.12
N PRO A 29 0.80 -4.23 1.87
CA PRO A 29 1.74 -5.20 1.29
C PRO A 29 1.02 -6.35 0.61
N GLU A 30 -0.26 -6.52 0.92
CA GLU A 30 -1.07 -7.59 0.33
C GLU A 30 -1.58 -7.19 -1.04
N ASN A 31 -2.00 -5.93 -1.18
CA ASN A 31 -2.51 -5.43 -2.44
C ASN A 31 -1.38 -5.00 -3.36
N LYS A 32 -0.17 -5.47 -3.06
CA LYS A 32 1.01 -5.14 -3.86
C LYS A 32 1.32 -3.65 -3.78
N GLY A 33 1.18 -3.08 -2.58
CA GLY A 33 1.46 -1.67 -2.39
C GLY A 33 0.26 -0.81 -2.71
N PHE A 34 -0.47 -1.17 -3.77
CA PHE A 34 -1.65 -0.41 -4.17
C PHE A 34 -2.75 -0.51 -3.13
N CYS A 35 -3.32 0.64 -2.78
CA CYS A 35 -4.39 0.70 -1.78
C CYS A 35 -5.65 0.02 -2.30
N THR A 36 -6.66 -0.08 -1.44
CA THR A 36 -7.93 -0.70 -1.82
C THR A 36 -8.48 -0.10 -3.10
N LEU A 37 -8.52 1.23 -3.15
CA LEU A 37 -9.03 1.93 -4.32
C LEU A 37 -8.24 1.54 -5.57
N CYS A 38 -6.97 1.93 -5.61
CA CYS A 38 -6.11 1.61 -6.74
C CYS A 38 -6.16 0.13 -7.07
N PHE A 39 -5.78 -0.70 -6.10
CA PHE A 39 -5.78 -2.14 -6.29
C PHE A 39 -6.91 -2.57 -7.23
N ILE A 40 -8.14 -2.26 -6.84
CA ILE A 40 -9.31 -2.61 -7.65
C ILE A 40 -9.17 -2.08 -9.07
N GLU A 41 -8.83 -0.81 -9.19
CA GLU A 41 -8.67 -0.19 -10.50
C GLU A 41 -7.66 -0.95 -11.34
N TYR A 42 -6.48 -1.19 -10.78
CA TYR A 42 -5.42 -1.91 -11.48
C TYR A 42 -5.98 -3.15 -12.18
N SER A 43 -6.72 -3.96 -11.43
CA SER A 43 -7.30 -5.18 -11.98
C SER A 43 -8.53 -5.61 -11.18
N GLY A 44 -9.70 -5.44 -11.76
CA GLY A 44 -10.93 -5.81 -11.08
C GLY A 44 -11.75 -6.82 -11.87
N PRO A 45 -12.72 -7.44 -11.20
CA PRO A 45 -13.59 -8.45 -11.82
C PRO A 45 -14.56 -7.84 -12.83
N SER A 46 -15.05 -6.64 -12.51
CA SER A 46 -15.98 -5.95 -13.39
C SER A 46 -15.38 -5.75 -14.78
N SER A 47 -14.20 -5.13 -14.82
CA SER A 47 -13.50 -4.88 -16.08
C SER A 47 -11.99 -4.81 -15.86
N GLY A 48 -11.25 -4.75 -16.96
CA GLY A 48 -9.81 -4.69 -16.88
C GLY A 48 -9.33 -3.52 -16.03
N GLY A 1 -9.99 -10.75 15.17
CA GLY A 1 -8.83 -11.55 14.79
C GLY A 1 -8.47 -12.57 15.84
N SER A 2 -8.07 -13.76 15.41
CA SER A 2 -7.70 -14.83 16.32
C SER A 2 -6.48 -15.58 15.81
N SER A 3 -5.87 -16.38 16.68
CA SER A 3 -4.68 -17.15 16.32
C SER A 3 -3.52 -16.22 16.00
N GLY A 4 -3.35 -15.17 16.80
CA GLY A 4 -2.28 -14.23 16.58
C GLY A 4 -2.60 -13.22 15.50
N SER A 5 -2.67 -13.69 14.25
CA SER A 5 -2.97 -12.82 13.12
C SER A 5 -1.92 -11.73 12.98
N SER A 6 -0.65 -12.11 13.15
CA SER A 6 0.45 -11.16 13.06
C SER A 6 1.28 -11.43 11.80
N GLY A 7 1.90 -10.39 11.27
CA GLY A 7 2.70 -10.53 10.07
C GLY A 7 3.19 -9.19 9.54
N THR A 8 3.85 -8.42 10.40
CA THR A 8 4.36 -7.11 10.01
C THR A 8 5.81 -6.93 10.49
N PRO A 9 6.65 -6.36 9.61
CA PRO A 9 8.06 -6.11 9.92
C PRO A 9 8.25 -5.02 10.96
N GLY A 10 8.98 -5.34 12.03
CA GLY A 10 9.21 -4.38 13.08
C GLY A 10 7.94 -3.91 13.75
N ASP A 11 7.94 -3.85 15.07
CA ASP A 11 6.77 -3.41 15.83
C ASP A 11 6.70 -1.90 15.89
N ARG A 12 5.56 -1.35 15.49
CA ARG A 12 5.36 0.10 15.50
C ARG A 12 6.46 0.80 14.71
N THR A 13 6.83 0.21 13.58
CA THR A 13 7.88 0.79 12.73
C THR A 13 7.36 2.01 11.98
N GLY A 14 6.32 1.82 11.19
CA GLY A 14 5.75 2.92 10.44
C GLY A 14 4.83 2.45 9.32
N THR A 15 3.84 3.27 8.99
CA THR A 15 2.89 2.93 7.94
C THR A 15 3.39 3.38 6.58
N SER A 16 3.09 2.59 5.55
CA SER A 16 3.52 2.91 4.19
C SER A 16 2.40 3.62 3.43
N LYS A 17 2.79 4.35 2.40
CA LYS A 17 1.82 5.08 1.57
C LYS A 17 1.59 4.38 0.25
N CYS A 18 0.45 4.63 -0.37
CA CYS A 18 0.11 4.03 -1.66
C CYS A 18 1.22 4.24 -2.67
N ARG A 19 1.66 3.15 -3.30
CA ARG A 19 2.72 3.22 -4.30
C ARG A 19 2.55 4.45 -5.19
N LYS A 20 1.33 4.64 -5.70
CA LYS A 20 1.03 5.76 -6.57
C LYS A 20 1.26 7.08 -5.85
N ALA A 21 1.74 8.09 -6.58
CA ALA A 21 1.99 9.40 -6.00
C ALA A 21 0.70 10.18 -5.83
N GLY A 22 0.04 10.48 -6.94
CA GLY A 22 -1.21 11.23 -6.89
C GLY A 22 -2.09 10.79 -5.75
N CYS A 23 -2.10 9.49 -5.47
CA CYS A 23 -2.92 8.94 -4.39
C CYS A 23 -2.41 9.39 -3.03
N VAL A 24 -3.32 9.79 -2.16
CA VAL A 24 -2.96 10.25 -0.82
C VAL A 24 -3.13 9.14 0.20
N TYR A 25 -4.19 8.36 0.06
CA TYR A 25 -4.47 7.26 0.98
C TYR A 25 -3.25 6.35 1.11
N PHE A 26 -3.34 5.39 2.03
CA PHE A 26 -2.24 4.46 2.27
C PHE A 26 -2.47 3.17 1.49
N GLY A 27 -1.42 2.35 1.37
CA GLY A 27 -1.52 1.10 0.66
C GLY A 27 -1.34 -0.11 1.57
N THR A 28 -1.29 -1.29 0.97
CA THR A 28 -1.13 -2.52 1.73
C THR A 28 -0.18 -3.48 1.03
N PRO A 29 0.50 -4.33 1.80
CA PRO A 29 1.44 -5.32 1.28
C PRO A 29 0.75 -6.43 0.51
N GLU A 30 -0.55 -6.59 0.75
CA GLU A 30 -1.33 -7.62 0.08
C GLU A 30 -1.82 -7.13 -1.28
N ASN A 31 -2.01 -5.82 -1.40
CA ASN A 31 -2.48 -5.22 -2.64
C ASN A 31 -1.31 -4.81 -3.53
N LYS A 32 -0.14 -5.36 -3.24
CA LYS A 32 1.06 -5.06 -4.01
C LYS A 32 1.42 -3.57 -3.89
N GLY A 33 1.32 -3.04 -2.67
CA GLY A 33 1.64 -1.65 -2.46
C GLY A 33 0.45 -0.73 -2.67
N PHE A 34 -0.28 -0.97 -3.75
CA PHE A 34 -1.46 -0.17 -4.09
C PHE A 34 -2.49 -0.24 -2.97
N CYS A 35 -3.30 0.81 -2.84
CA CYS A 35 -4.33 0.86 -1.82
C CYS A 35 -5.63 0.23 -2.31
N THR A 36 -6.48 -0.19 -1.37
CA THR A 36 -7.75 -0.81 -1.73
C THR A 36 -8.35 -0.18 -2.98
N LEU A 37 -8.42 1.15 -2.98
CA LEU A 37 -8.98 1.87 -4.12
C LEU A 37 -8.23 1.54 -5.40
N CYS A 38 -6.98 1.97 -5.47
CA CYS A 38 -6.14 1.70 -6.64
C CYS A 38 -6.21 0.23 -7.04
N PHE A 39 -5.83 -0.65 -6.11
CA PHE A 39 -5.84 -2.08 -6.37
C PHE A 39 -7.00 -2.46 -7.27
N ILE A 40 -8.22 -2.25 -6.80
CA ILE A 40 -9.41 -2.57 -7.56
C ILE A 40 -9.26 -2.16 -9.02
N GLU A 41 -8.77 -0.94 -9.24
CA GLU A 41 -8.57 -0.43 -10.59
C GLU A 41 -7.50 -1.23 -11.32
N TYR A 42 -6.39 -1.50 -10.63
CA TYR A 42 -5.30 -2.25 -11.21
C TYR A 42 -5.76 -3.64 -11.65
N SER A 43 -6.36 -4.38 -10.73
CA SER A 43 -6.85 -5.72 -11.02
C SER A 43 -7.94 -6.14 -10.04
N GLY A 44 -9.19 -6.11 -10.52
CA GLY A 44 -10.30 -6.48 -9.67
C GLY A 44 -10.44 -7.98 -9.50
N PRO A 45 -11.61 -8.42 -9.02
CA PRO A 45 -11.88 -9.84 -8.80
C PRO A 45 -12.00 -10.62 -10.11
N SER A 46 -11.61 -11.90 -10.07
CA SER A 46 -11.66 -12.74 -11.25
C SER A 46 -12.99 -12.56 -11.98
N SER A 47 -14.08 -12.73 -11.26
CA SER A 47 -15.42 -12.59 -11.84
C SER A 47 -16.11 -11.34 -11.33
N GLY A 48 -17.18 -10.93 -12.01
CA GLY A 48 -17.91 -9.74 -11.60
C GLY A 48 -19.37 -10.04 -11.29
N GLY A 1 -19.02 13.05 4.45
CA GLY A 1 -17.82 13.71 4.92
C GLY A 1 -16.71 12.72 5.24
N SER A 2 -15.91 13.06 6.25
CA SER A 2 -14.79 12.20 6.65
C SER A 2 -14.57 12.28 8.16
N SER A 3 -13.99 11.22 8.73
CA SER A 3 -13.73 11.16 10.16
C SER A 3 -12.44 11.90 10.49
N GLY A 4 -12.54 12.90 11.36
CA GLY A 4 -11.38 13.67 11.75
C GLY A 4 -10.44 13.94 10.59
N SER A 5 -9.24 13.37 10.66
CA SER A 5 -8.25 13.55 9.60
C SER A 5 -7.56 12.23 9.27
N SER A 6 -7.37 11.99 7.98
CA SER A 6 -6.72 10.76 7.52
C SER A 6 -5.44 10.50 8.31
N GLY A 7 -4.77 11.57 8.72
CA GLY A 7 -3.54 11.43 9.47
C GLY A 7 -3.69 10.52 10.67
N THR A 8 -3.11 9.33 10.58
CA THR A 8 -3.18 8.36 11.68
C THR A 8 -1.94 8.42 12.56
N PRO A 9 -2.12 8.07 13.84
CA PRO A 9 -1.01 8.07 14.81
C PRO A 9 0.00 6.97 14.54
N GLY A 10 1.09 7.32 13.88
CA GLY A 10 2.12 6.35 13.56
C GLY A 10 3.46 6.71 14.17
N ASP A 11 4.50 6.73 13.35
CA ASP A 11 5.84 7.07 13.82
C ASP A 11 6.34 8.35 13.17
N ARG A 12 7.36 8.95 13.78
CA ARG A 12 7.92 10.19 13.26
C ARG A 12 8.61 9.96 11.92
N THR A 13 9.49 8.97 11.87
CA THR A 13 10.22 8.64 10.65
C THR A 13 9.32 8.81 9.42
N GLY A 14 8.03 8.61 9.60
CA GLY A 14 7.08 8.74 8.51
C GLY A 14 5.90 7.80 8.64
N THR A 15 5.08 7.74 7.60
CA THR A 15 3.90 6.88 7.60
C THR A 15 3.75 6.16 6.27
N SER A 16 2.99 5.07 6.27
CA SER A 16 2.76 4.29 5.06
C SER A 16 1.80 5.02 4.12
N LYS A 17 2.12 5.00 2.83
CA LYS A 17 1.29 5.65 1.83
C LYS A 17 1.18 4.80 0.56
N CYS A 18 0.08 4.94 -0.16
CA CYS A 18 -0.15 4.18 -1.38
C CYS A 18 0.99 4.41 -2.38
N ARG A 19 1.31 3.38 -3.15
CA ARG A 19 2.37 3.46 -4.14
C ARG A 19 2.14 4.63 -5.10
N LYS A 20 0.92 4.73 -5.61
CA LYS A 20 0.56 5.79 -6.54
C LYS A 20 0.93 7.16 -5.96
N ALA A 21 1.37 8.07 -6.83
CA ALA A 21 1.75 9.41 -6.40
C ALA A 21 0.53 10.25 -6.08
N GLY A 22 -0.46 10.23 -6.99
CA GLY A 22 -1.67 11.00 -6.77
C GLY A 22 -2.66 10.27 -5.88
N CYS A 23 -2.18 9.73 -4.78
CA CYS A 23 -3.03 9.01 -3.84
C CYS A 23 -2.70 9.37 -2.40
N VAL A 24 -3.63 10.04 -1.73
CA VAL A 24 -3.44 10.46 -0.35
C VAL A 24 -3.55 9.26 0.60
N TYR A 25 -4.47 8.35 0.30
CA TYR A 25 -4.68 7.17 1.12
C TYR A 25 -3.40 6.34 1.20
N PHE A 26 -3.43 5.30 2.04
CA PHE A 26 -2.28 4.43 2.21
C PHE A 26 -2.51 3.08 1.53
N GLY A 27 -1.42 2.43 1.14
CA GLY A 27 -1.52 1.14 0.47
C GLY A 27 -1.37 -0.02 1.44
N THR A 28 -1.30 -1.22 0.88
CA THR A 28 -1.16 -2.43 1.71
C THR A 28 -0.21 -3.42 1.06
N PRO A 29 0.40 -4.29 1.89
CA PRO A 29 1.34 -5.30 1.42
C PRO A 29 0.66 -6.41 0.62
N GLU A 30 -0.66 -6.52 0.79
CA GLU A 30 -1.43 -7.54 0.08
C GLU A 30 -1.83 -7.04 -1.31
N ASN A 31 -1.98 -5.73 -1.45
CA ASN A 31 -2.37 -5.13 -2.73
C ASN A 31 -1.14 -4.78 -3.54
N LYS A 32 0.00 -5.37 -3.20
CA LYS A 32 1.25 -5.11 -3.90
C LYS A 32 1.65 -3.64 -3.78
N GLY A 33 1.52 -3.09 -2.58
CA GLY A 33 1.88 -1.70 -2.36
C GLY A 33 0.71 -0.77 -2.58
N PHE A 34 -0.09 -1.05 -3.61
CA PHE A 34 -1.25 -0.23 -3.92
C PHE A 34 -2.28 -0.27 -2.79
N CYS A 35 -3.25 0.64 -2.85
CA CYS A 35 -4.29 0.71 -1.84
C CYS A 35 -5.59 0.10 -2.35
N THR A 36 -6.47 -0.28 -1.43
CA THR A 36 -7.75 -0.87 -1.79
C THR A 36 -8.34 -0.20 -3.04
N LEU A 37 -8.44 1.12 -3.00
CA LEU A 37 -8.98 1.87 -4.12
C LEU A 37 -8.26 1.51 -5.41
N CYS A 38 -6.97 1.87 -5.48
CA CYS A 38 -6.17 1.58 -6.67
C CYS A 38 -6.28 0.11 -7.06
N PHE A 39 -5.88 -0.76 -6.15
CA PHE A 39 -5.93 -2.20 -6.40
C PHE A 39 -7.13 -2.56 -7.27
N ILE A 40 -8.32 -2.17 -6.83
CA ILE A 40 -9.55 -2.44 -7.56
C ILE A 40 -9.41 -2.04 -9.03
N GLU A 41 -8.89 -0.83 -9.26
CA GLU A 41 -8.71 -0.32 -10.61
C GLU A 41 -7.63 -1.12 -11.35
N TYR A 42 -6.52 -1.37 -10.67
CA TYR A 42 -5.42 -2.11 -11.25
C TYR A 42 -5.86 -3.52 -11.68
N SER A 43 -5.66 -3.83 -12.95
CA SER A 43 -6.05 -5.14 -13.48
C SER A 43 -5.54 -6.25 -12.58
N GLY A 44 -4.22 -6.41 -12.52
CA GLY A 44 -3.64 -7.45 -11.70
C GLY A 44 -4.39 -8.76 -11.78
N PRO A 45 -4.23 -9.47 -12.90
CA PRO A 45 -4.89 -10.75 -13.14
C PRO A 45 -4.34 -11.87 -12.24
N SER A 46 -3.04 -11.83 -12.00
CA SER A 46 -2.39 -12.83 -11.16
C SER A 46 -2.60 -12.52 -9.68
N SER A 47 -3.30 -13.41 -8.99
CA SER A 47 -3.58 -13.23 -7.56
C SER A 47 -2.38 -13.65 -6.72
N GLY A 48 -1.79 -14.79 -7.06
CA GLY A 48 -0.63 -15.27 -6.33
C GLY A 48 -0.86 -15.27 -4.84
N GLY A 1 -5.11 0.64 18.49
CA GLY A 1 -3.68 0.77 18.25
C GLY A 1 -2.84 0.40 19.45
N SER A 2 -2.57 -0.89 19.60
CA SER A 2 -1.77 -1.38 20.72
C SER A 2 -0.54 -0.51 20.94
N SER A 3 0.30 -0.43 19.91
CA SER A 3 1.53 0.37 19.98
C SER A 3 1.20 1.83 20.24
N GLY A 4 1.82 2.39 21.28
CA GLY A 4 1.58 3.77 21.62
C GLY A 4 2.03 4.73 20.53
N SER A 5 3.33 4.93 20.42
CA SER A 5 3.89 5.82 19.41
C SER A 5 4.67 5.04 18.36
N SER A 6 4.80 5.62 17.17
CA SER A 6 5.53 4.97 16.08
C SER A 6 7.03 5.16 16.24
N GLY A 7 7.78 4.08 16.11
CA GLY A 7 9.22 4.14 16.26
C GLY A 7 9.86 2.77 16.27
N THR A 8 9.53 1.96 15.27
CA THR A 8 10.08 0.61 15.17
C THR A 8 10.63 0.34 13.77
N PRO A 9 11.73 -0.43 13.71
CA PRO A 9 12.38 -0.77 12.44
C PRO A 9 11.54 -1.72 11.59
N GLY A 10 11.93 -1.91 10.34
CA GLY A 10 11.21 -2.80 9.45
C GLY A 10 10.83 -2.12 8.14
N ASP A 11 9.60 -2.36 7.70
CA ASP A 11 9.11 -1.77 6.45
C ASP A 11 8.29 -0.51 6.72
N ARG A 12 7.62 -0.49 7.87
CA ARG A 12 6.80 0.65 8.25
C ARG A 12 7.65 1.77 8.84
N THR A 13 8.97 1.65 8.67
CA THR A 13 9.90 2.63 9.19
C THR A 13 9.54 4.04 8.69
N GLY A 14 9.52 4.20 7.37
CA GLY A 14 9.20 5.49 6.80
C GLY A 14 7.72 5.81 6.89
N THR A 15 7.20 6.48 5.86
CA THR A 15 5.79 6.85 5.83
C THR A 15 4.99 5.86 5.00
N SER A 16 4.03 5.19 5.66
CA SER A 16 3.18 4.21 4.98
C SER A 16 2.11 4.90 4.14
N LYS A 17 2.23 4.76 2.82
CA LYS A 17 1.27 5.36 1.91
C LYS A 17 1.08 4.49 0.68
N CYS A 18 0.11 4.85 -0.17
CA CYS A 18 -0.18 4.11 -1.38
C CYS A 18 0.92 4.32 -2.42
N ARG A 19 1.33 3.25 -3.08
CA ARG A 19 2.38 3.31 -4.09
C ARG A 19 2.19 4.54 -4.99
N LYS A 20 0.97 4.72 -5.48
CA LYS A 20 0.65 5.85 -6.35
C LYS A 20 0.92 7.17 -5.63
N ALA A 21 1.49 8.13 -6.36
CA ALA A 21 1.80 9.44 -5.81
C ALA A 21 0.53 10.27 -5.62
N GLY A 22 -0.33 10.26 -6.64
CA GLY A 22 -1.56 11.03 -6.57
C GLY A 22 -2.63 10.31 -5.77
N CYS A 23 -2.24 9.73 -4.65
CA CYS A 23 -3.18 9.02 -3.79
C CYS A 23 -2.93 9.34 -2.32
N VAL A 24 -3.86 10.06 -1.72
CA VAL A 24 -3.75 10.45 -0.32
C VAL A 24 -3.80 9.22 0.59
N TYR A 25 -4.75 8.33 0.34
CA TYR A 25 -4.90 7.12 1.13
C TYR A 25 -3.60 6.32 1.16
N PHE A 26 -3.51 5.36 2.07
CA PHE A 26 -2.33 4.53 2.21
C PHE A 26 -2.53 3.18 1.52
N GLY A 27 -1.43 2.58 1.06
CA GLY A 27 -1.51 1.30 0.39
C GLY A 27 -1.32 0.13 1.34
N THR A 28 -1.32 -1.08 0.81
CA THR A 28 -1.14 -2.28 1.62
C THR A 28 -0.22 -3.27 0.93
N PRO A 29 0.42 -4.15 1.73
CA PRO A 29 1.34 -5.16 1.21
C PRO A 29 0.63 -6.26 0.44
N GLU A 30 -0.63 -6.52 0.82
CA GLU A 30 -1.42 -7.55 0.16
C GLU A 30 -1.79 -7.11 -1.26
N ASN A 31 -2.05 -5.82 -1.43
CA ASN A 31 -2.42 -5.28 -2.73
C ASN A 31 -1.17 -4.96 -3.56
N LYS A 32 -0.05 -5.54 -3.18
CA LYS A 32 1.21 -5.32 -3.88
C LYS A 32 1.63 -3.86 -3.81
N GLY A 33 1.40 -3.24 -2.65
CA GLY A 33 1.76 -1.84 -2.48
C GLY A 33 0.57 -0.91 -2.62
N PHE A 34 -0.17 -1.07 -3.71
CA PHE A 34 -1.34 -0.23 -3.96
C PHE A 34 -2.34 -0.33 -2.81
N CYS A 35 -3.29 0.61 -2.77
CA CYS A 35 -4.30 0.62 -1.72
C CYS A 35 -5.59 -0.06 -2.21
N THR A 36 -6.53 -0.25 -1.29
CA THR A 36 -7.79 -0.89 -1.62
C THR A 36 -8.42 -0.27 -2.86
N LEU A 37 -8.43 1.06 -2.91
CA LEU A 37 -9.00 1.79 -4.04
C LEU A 37 -8.25 1.45 -5.32
N CYS A 38 -7.00 1.88 -5.41
CA CYS A 38 -6.17 1.64 -6.58
C CYS A 38 -6.25 0.17 -6.99
N PHE A 39 -5.91 -0.72 -6.07
CA PHE A 39 -5.93 -2.16 -6.34
C PHE A 39 -7.08 -2.51 -7.28
N ILE A 40 -8.30 -2.19 -6.86
CA ILE A 40 -9.47 -2.48 -7.67
C ILE A 40 -9.27 -2.04 -9.12
N GLU A 41 -8.81 -0.80 -9.29
CA GLU A 41 -8.57 -0.26 -10.63
C GLU A 41 -7.48 -1.04 -11.35
N TYR A 42 -6.39 -1.33 -10.62
CA TYR A 42 -5.27 -2.07 -11.19
C TYR A 42 -5.72 -3.45 -11.67
N SER A 43 -5.05 -3.94 -12.71
CA SER A 43 -5.39 -5.25 -13.27
C SER A 43 -4.20 -5.82 -14.04
N GLY A 44 -3.58 -6.85 -13.47
CA GLY A 44 -2.44 -7.47 -14.11
C GLY A 44 -2.83 -8.62 -15.02
N PRO A 45 -1.88 -9.54 -15.28
CA PRO A 45 -2.12 -10.69 -16.13
C PRO A 45 -3.05 -11.71 -15.50
N SER A 46 -3.20 -11.63 -14.18
CA SER A 46 -4.06 -12.55 -13.44
C SER A 46 -5.52 -12.36 -13.86
N SER A 47 -5.96 -11.11 -13.92
CA SER A 47 -7.33 -10.80 -14.29
C SER A 47 -7.43 -10.43 -15.77
N GLY A 48 -8.64 -10.19 -16.24
CA GLY A 48 -8.85 -9.83 -17.63
C GLY A 48 -10.24 -9.31 -17.90
N GLY A 1 23.88 18.87 3.89
CA GLY A 1 23.51 17.59 4.46
C GLY A 1 22.38 17.69 5.45
N SER A 2 22.65 17.35 6.71
CA SER A 2 21.64 17.40 7.76
C SER A 2 21.83 18.63 8.62
N SER A 3 20.91 19.58 8.51
CA SER A 3 20.98 20.82 9.29
C SER A 3 19.59 21.23 9.78
N GLY A 4 19.48 21.45 11.08
CA GLY A 4 18.20 21.85 11.65
C GLY A 4 17.38 20.66 12.13
N SER A 5 16.73 20.82 13.28
CA SER A 5 15.93 19.75 13.85
C SER A 5 14.88 19.27 12.85
N SER A 6 14.11 20.21 12.29
CA SER A 6 13.07 19.89 11.34
C SER A 6 12.14 18.81 11.89
N GLY A 7 11.81 18.92 13.17
CA GLY A 7 10.93 17.94 13.79
C GLY A 7 11.35 16.51 13.49
N THR A 8 10.53 15.80 12.72
CA THR A 8 10.81 14.42 12.37
C THR A 8 11.63 14.34 11.09
N PRO A 9 12.64 13.45 11.08
CA PRO A 9 13.52 13.26 9.93
C PRO A 9 12.80 12.59 8.76
N GLY A 10 11.51 12.36 8.92
CA GLY A 10 10.72 11.73 7.87
C GLY A 10 10.13 12.74 6.91
N ASP A 11 10.73 12.84 5.72
CA ASP A 11 10.26 13.78 4.71
C ASP A 11 8.75 13.71 4.55
N ARG A 12 8.23 12.48 4.47
CA ARG A 12 6.79 12.27 4.32
C ARG A 12 6.06 12.57 5.62
N THR A 13 4.81 13.00 5.51
CA THR A 13 4.00 13.31 6.68
C THR A 13 3.57 12.05 7.42
N GLY A 14 3.08 11.08 6.66
CA GLY A 14 2.64 9.83 7.26
C GLY A 14 3.74 8.78 7.31
N THR A 15 3.35 7.51 7.28
CA THR A 15 4.31 6.42 7.32
C THR A 15 4.59 5.89 5.91
N SER A 16 3.54 5.43 5.24
CA SER A 16 3.67 4.89 3.89
C SER A 16 2.40 5.13 3.09
N LYS A 17 2.51 5.97 2.06
CA LYS A 17 1.36 6.29 1.21
C LYS A 17 1.19 5.22 0.12
N CYS A 18 0.01 5.20 -0.50
CA CYS A 18 -0.28 4.25 -1.55
C CYS A 18 0.66 4.43 -2.74
N ARG A 19 1.18 3.32 -3.25
CA ARG A 19 2.11 3.36 -4.38
C ARG A 19 1.69 4.45 -5.38
N LYS A 20 0.39 4.54 -5.64
CA LYS A 20 -0.13 5.53 -6.57
C LYS A 20 0.37 6.92 -6.22
N ALA A 21 0.60 7.73 -7.25
CA ALA A 21 1.08 9.10 -7.05
C ALA A 21 -0.08 10.06 -6.76
N GLY A 22 -0.02 10.72 -5.61
CA GLY A 22 -1.07 11.64 -5.24
C GLY A 22 -2.30 10.94 -4.70
N CYS A 23 -2.09 9.82 -4.03
CA CYS A 23 -3.19 9.05 -3.46
C CYS A 23 -3.30 9.28 -1.95
N VAL A 24 -4.29 10.07 -1.56
CA VAL A 24 -4.51 10.37 -0.15
C VAL A 24 -4.54 9.10 0.69
N TYR A 25 -5.06 8.03 0.10
CA TYR A 25 -5.15 6.75 0.79
C TYR A 25 -3.78 6.06 0.84
N PHE A 26 -3.60 5.20 1.84
CA PHE A 26 -2.35 4.46 2.00
C PHE A 26 -2.42 3.10 1.32
N GLY A 27 -1.25 2.52 1.05
CA GLY A 27 -1.21 1.22 0.40
C GLY A 27 -0.89 0.11 1.37
N THR A 28 -1.01 -1.13 0.90
CA THR A 28 -0.73 -2.30 1.73
C THR A 28 0.09 -3.33 0.97
N PRO A 29 0.82 -4.17 1.71
CA PRO A 29 1.67 -5.23 1.14
C PRO A 29 0.85 -6.34 0.50
N GLU A 30 -0.42 -6.43 0.88
CA GLU A 30 -1.31 -7.45 0.34
C GLU A 30 -1.90 -7.01 -1.00
N ASN A 31 -2.19 -5.72 -1.11
CA ASN A 31 -2.76 -5.18 -2.35
C ASN A 31 -1.67 -4.89 -3.37
N LYS A 32 -0.50 -5.49 -3.17
CA LYS A 32 0.63 -5.31 -4.07
C LYS A 32 1.13 -3.87 -4.02
N GLY A 33 1.18 -3.30 -2.82
CA GLY A 33 1.64 -1.93 -2.66
C GLY A 33 0.50 -0.93 -2.76
N PHE A 34 -0.34 -1.08 -3.77
CA PHE A 34 -1.46 -0.19 -3.97
C PHE A 34 -2.47 -0.30 -2.83
N CYS A 35 -3.39 0.66 -2.75
CA CYS A 35 -4.40 0.67 -1.70
C CYS A 35 -5.65 -0.09 -2.16
N THR A 36 -6.63 -0.19 -1.27
CA THR A 36 -7.88 -0.89 -1.57
C THR A 36 -8.52 -0.33 -2.83
N LEU A 37 -8.61 1.00 -2.91
CA LEU A 37 -9.22 1.66 -4.06
C LEU A 37 -8.47 1.30 -5.34
N CYS A 38 -7.24 1.77 -5.45
CA CYS A 38 -6.43 1.50 -6.63
C CYS A 38 -6.38 0.00 -6.93
N PHE A 39 -6.01 -0.78 -5.93
CA PHE A 39 -5.93 -2.23 -6.10
C PHE A 39 -7.06 -2.74 -6.98
N ILE A 40 -8.17 -2.03 -7.00
CA ILE A 40 -9.32 -2.41 -7.81
C ILE A 40 -9.12 -2.02 -9.27
N GLU A 41 -8.69 -0.79 -9.49
CA GLU A 41 -8.44 -0.30 -10.85
C GLU A 41 -7.21 -0.96 -11.45
N TYR A 42 -6.14 -1.04 -10.66
CA TYR A 42 -4.90 -1.64 -11.12
C TYR A 42 -5.12 -3.09 -11.54
N SER A 43 -4.47 -3.50 -12.62
CA SER A 43 -4.59 -4.86 -13.13
C SER A 43 -3.36 -5.25 -13.96
N GLY A 44 -2.50 -6.06 -13.35
CA GLY A 44 -1.29 -6.49 -14.04
C GLY A 44 -1.02 -7.96 -13.86
N PRO A 45 0.26 -8.37 -13.99
CA PRO A 45 0.67 -9.76 -13.84
C PRO A 45 0.58 -10.24 -12.40
N SER A 46 0.48 -11.55 -12.22
CA SER A 46 0.37 -12.14 -10.89
C SER A 46 1.63 -12.94 -10.55
N SER A 47 2.37 -12.48 -9.54
CA SER A 47 3.60 -13.15 -9.13
C SER A 47 3.34 -14.63 -8.87
N GLY A 48 2.45 -14.92 -7.92
CA GLY A 48 2.13 -16.29 -7.59
C GLY A 48 1.78 -17.12 -8.82
N GLY A 1 -14.63 -17.96 19.13
CA GLY A 1 -15.32 -16.89 19.84
C GLY A 1 -14.97 -15.53 19.29
N SER A 2 -15.46 -14.48 19.95
CA SER A 2 -15.20 -13.11 19.53
C SER A 2 -13.69 -12.85 19.47
N SER A 3 -13.30 -11.90 18.61
CA SER A 3 -11.90 -11.55 18.45
C SER A 3 -11.49 -10.48 19.45
N GLY A 4 -10.26 -10.57 19.95
CA GLY A 4 -9.78 -9.59 20.92
C GLY A 4 -9.78 -10.13 22.33
N SER A 5 -8.98 -11.17 22.57
CA SER A 5 -8.90 -11.78 23.89
C SER A 5 -7.48 -12.28 24.18
N SER A 6 -6.87 -11.73 25.23
CA SER A 6 -5.52 -12.11 25.61
C SER A 6 -4.53 -11.76 24.50
N GLY A 7 -4.70 -10.58 23.91
CA GLY A 7 -3.82 -10.15 22.84
C GLY A 7 -3.54 -8.66 22.89
N THR A 8 -2.67 -8.19 22.00
CA THR A 8 -2.30 -6.78 21.95
C THR A 8 -2.72 -6.15 20.62
N PRO A 9 -3.12 -4.88 20.67
CA PRO A 9 -3.55 -4.14 19.48
C PRO A 9 -2.40 -3.84 18.53
N GLY A 10 -1.32 -3.28 19.07
CA GLY A 10 -0.16 -2.95 18.26
C GLY A 10 -0.26 -1.58 17.64
N ASP A 11 0.87 -0.88 17.58
CA ASP A 11 0.90 0.46 17.00
C ASP A 11 1.46 0.43 15.59
N ARG A 12 1.51 1.59 14.94
CA ARG A 12 2.02 1.69 13.58
C ARG A 12 3.33 2.46 13.54
N THR A 13 4.38 1.81 13.07
CA THR A 13 5.70 2.45 12.98
C THR A 13 5.87 3.16 11.64
N GLY A 14 6.43 4.37 11.69
CA GLY A 14 6.65 5.13 10.48
C GLY A 14 5.35 5.62 9.86
N THR A 15 5.40 5.92 8.57
CA THR A 15 4.22 6.40 7.84
C THR A 15 3.95 5.55 6.61
N SER A 16 2.69 5.17 6.43
CA SER A 16 2.30 4.36 5.28
C SER A 16 1.44 5.16 4.31
N LYS A 17 1.73 5.04 3.02
CA LYS A 17 0.99 5.76 1.99
C LYS A 17 0.92 4.94 0.70
N CYS A 18 -0.17 5.12 -0.06
CA CYS A 18 -0.35 4.41 -1.31
C CYS A 18 0.82 4.65 -2.25
N ARG A 19 1.18 3.63 -3.02
CA ARG A 19 2.29 3.73 -3.96
C ARG A 19 2.10 4.92 -4.90
N LYS A 20 0.90 5.03 -5.46
CA LYS A 20 0.58 6.12 -6.38
C LYS A 20 0.89 7.47 -5.74
N ALA A 21 1.14 8.47 -6.59
CA ALA A 21 1.45 9.81 -6.11
C ALA A 21 0.17 10.60 -5.82
N GLY A 22 -0.81 10.48 -6.71
CA GLY A 22 -2.07 11.19 -6.53
C GLY A 22 -3.08 10.38 -5.75
N CYS A 23 -2.66 9.83 -4.62
CA CYS A 23 -3.53 9.02 -3.77
C CYS A 23 -3.23 9.26 -2.29
N VAL A 24 -4.10 10.01 -1.63
CA VAL A 24 -3.94 10.31 -0.22
C VAL A 24 -4.01 9.04 0.62
N TYR A 25 -4.86 8.12 0.21
CA TYR A 25 -5.03 6.86 0.93
C TYR A 25 -3.69 6.15 1.11
N PHE A 26 -3.69 5.10 1.92
CA PHE A 26 -2.47 4.34 2.19
C PHE A 26 -2.55 2.96 1.55
N GLY A 27 -1.40 2.46 1.10
CA GLY A 27 -1.36 1.15 0.47
C GLY A 27 -1.16 0.03 1.48
N THR A 28 -1.09 -1.20 0.98
CA THR A 28 -0.90 -2.36 1.85
C THR A 28 -0.03 -3.41 1.18
N PRO A 29 0.63 -4.24 2.00
CA PRO A 29 1.52 -5.30 1.51
C PRO A 29 0.75 -6.42 0.82
N GLU A 30 -0.58 -6.36 0.89
CA GLU A 30 -1.43 -7.37 0.28
C GLU A 30 -1.83 -6.96 -1.14
N ASN A 31 -2.09 -5.67 -1.32
CA ASN A 31 -2.48 -5.14 -2.62
C ASN A 31 -1.27 -4.87 -3.49
N LYS A 32 -0.14 -5.49 -3.12
CA LYS A 32 1.10 -5.32 -3.88
C LYS A 32 1.58 -3.87 -3.82
N GLY A 33 1.43 -3.26 -2.65
CA GLY A 33 1.86 -1.88 -2.48
C GLY A 33 0.71 -0.89 -2.62
N PHE A 34 -0.06 -1.03 -3.69
CA PHE A 34 -1.19 -0.14 -3.94
C PHE A 34 -2.21 -0.22 -2.81
N CYS A 35 -3.22 0.64 -2.86
CA CYS A 35 -4.25 0.67 -1.83
C CYS A 35 -5.50 -0.05 -2.30
N THR A 36 -6.50 -0.14 -1.42
CA THR A 36 -7.75 -0.82 -1.74
C THR A 36 -8.34 -0.27 -3.04
N LEU A 37 -8.64 1.02 -3.06
CA LEU A 37 -9.21 1.66 -4.24
C LEU A 37 -8.39 1.35 -5.48
N CYS A 38 -7.17 1.86 -5.52
CA CYS A 38 -6.28 1.64 -6.66
C CYS A 38 -6.29 0.16 -7.08
N PHE A 39 -5.84 -0.70 -6.18
CA PHE A 39 -5.80 -2.13 -6.44
C PHE A 39 -6.98 -2.56 -7.31
N ILE A 40 -8.17 -2.13 -6.92
CA ILE A 40 -9.39 -2.47 -7.65
C ILE A 40 -9.30 -2.00 -9.10
N GLU A 41 -8.92 -0.73 -9.28
CA GLU A 41 -8.79 -0.16 -10.62
C GLU A 41 -7.76 -0.91 -11.44
N TYR A 42 -6.63 -1.21 -10.81
CA TYR A 42 -5.54 -1.93 -11.48
C TYR A 42 -5.91 -3.38 -11.72
N SER A 43 -5.15 -4.05 -12.57
CA SER A 43 -5.40 -5.45 -12.88
C SER A 43 -4.11 -6.18 -13.24
N GLY A 44 -3.60 -6.96 -12.29
CA GLY A 44 -2.37 -7.69 -12.51
C GLY A 44 -2.26 -8.23 -13.92
N PRO A 45 -1.03 -8.27 -14.45
CA PRO A 45 -0.78 -8.76 -15.81
C PRO A 45 -0.97 -10.27 -15.92
N SER A 46 -1.52 -10.70 -17.05
CA SER A 46 -1.77 -12.12 -17.28
C SER A 46 -1.13 -12.58 -18.58
N SER A 47 0.00 -13.30 -18.47
CA SER A 47 0.71 -13.79 -19.65
C SER A 47 -0.10 -14.87 -20.36
N GLY A 48 -0.45 -15.93 -19.62
CA GLY A 48 -1.22 -17.01 -20.20
C GLY A 48 -2.48 -16.52 -20.89
#